data_8TGI
#
_entry.id   8TGI
#
_cell.length_a   1.00
_cell.length_b   1.00
_cell.length_c   1.00
_cell.angle_alpha   90.00
_cell.angle_beta   90.00
_cell.angle_gamma   90.00
#
_symmetry.space_group_name_H-M   'P 1'
#
loop_
_entity.id
_entity.type
_entity.pdbx_description
1 polymer 'Chromaffin granule amine transporter'
2 non-polymer L-DOPAMINE
3 non-polymer reserpine
#
_entity_poly.entity_id   1
_entity_poly.type   'polypeptide(L)'
_entity_poly.pdbx_seq_one_letter_code
;MLRTILDAPQRLLKEGRASRQLVLVVVFVALLLDNMLFTVVVPIVPTFLYDMEFKEVNSSLHLGHAGSNCLQGTGFLEEE
ITRVGVLFASKAVMQLLVNPFVGPLTNRIGYHIPMFAGFVIMFLSTVMFAFSGTYTLLFVARTLQGIGSSFSSVAGLGML
ASVYTDDHERGRAMGTALGGLALGLLVGAPFGSVMYEFVGKSAPFLILAFLALLDGALQLCILQPSKVSPESAKGTPLFM
LLKDPYILVAAGSICFANMGVAILEPTLPIWMMQTMCSPKWQLGLAFLPASVSYLIGTNLFGVLANKMGRWLCSLIGMLV
VGTSLLCVPLAHNIFGLIGPNAGLGLAIGMVDSSMMPIMGHLVDLRHTSVYGSVYAIADVAFCMGFAIGPSTGGAIVKAI
GFPWLMVITGVINIVYAPLCYYLRSPPAKEEKLAILSQDCPMETRMYATQKPTKEFPLGEDSDEEPDHEE
;
_entity_poly.pdbx_strand_id   A,B
#
# COMPACT_ATOMS: atom_id res chain seq x y z
N SER A 19 -17.32 -5.49 -37.62
CA SER A 19 -16.54 -4.37 -37.12
C SER A 19 -15.92 -4.70 -35.76
N ARG A 20 -15.05 -3.82 -35.28
CA ARG A 20 -14.37 -4.03 -34.01
C ARG A 20 -15.26 -3.77 -32.80
N GLN A 21 -16.45 -3.21 -33.01
CA GLN A 21 -17.37 -2.99 -31.89
C GLN A 21 -18.27 -4.18 -31.64
N LEU A 22 -18.69 -4.89 -32.70
CA LEU A 22 -19.53 -6.08 -32.54
C LEU A 22 -18.75 -7.27 -32.00
N VAL A 23 -17.43 -7.30 -32.19
CA VAL A 23 -16.62 -8.37 -31.62
C VAL A 23 -16.66 -8.31 -30.08
N LEU A 24 -16.57 -7.10 -29.53
CA LEU A 24 -16.72 -6.93 -28.10
C LEU A 24 -18.13 -7.24 -27.63
N VAL A 25 -19.12 -7.10 -28.51
CA VAL A 25 -20.49 -7.48 -28.15
C VAL A 25 -20.59 -8.99 -27.95
N VAL A 26 -19.93 -9.77 -28.82
CA VAL A 26 -19.98 -11.22 -28.71
C VAL A 26 -19.28 -11.70 -27.43
N VAL A 27 -18.11 -11.12 -27.12
CA VAL A 27 -17.39 -11.51 -25.92
C VAL A 27 -18.15 -11.11 -24.67
N PHE A 28 -18.88 -9.98 -24.73
CA PHE A 28 -19.69 -9.55 -23.59
C PHE A 28 -20.79 -10.56 -23.29
N VAL A 29 -21.48 -11.03 -24.32
CA VAL A 29 -22.54 -12.02 -24.14
C VAL A 29 -21.95 -13.37 -23.76
N ALA A 30 -20.79 -13.72 -24.34
CA ALA A 30 -20.19 -15.03 -24.11
C ALA A 30 -19.77 -15.20 -22.66
N LEU A 31 -19.09 -14.21 -22.09
CA LEU A 31 -18.73 -14.28 -20.69
C LEU A 31 -19.92 -14.08 -19.78
N LEU A 32 -20.97 -13.40 -20.25
CA LEU A 32 -22.16 -13.20 -19.43
C LEU A 32 -22.88 -14.52 -19.18
N LEU A 33 -23.06 -15.33 -20.22
CA LEU A 33 -23.79 -16.58 -20.08
C LEU A 33 -22.94 -17.68 -19.44
N ASP A 34 -21.64 -17.72 -19.77
CA ASP A 34 -20.78 -18.76 -19.21
C ASP A 34 -20.62 -18.61 -17.71
N ASN A 35 -20.42 -17.38 -17.24
CA ASN A 35 -20.36 -17.13 -15.81
C ASN A 35 -21.75 -17.12 -15.16
N MET A 36 -22.80 -16.96 -15.97
CA MET A 36 -24.15 -17.09 -15.44
C MET A 36 -24.42 -18.51 -14.97
N LEU A 37 -23.96 -19.51 -15.72
CA LEU A 37 -24.11 -20.90 -15.31
C LEU A 37 -23.27 -21.23 -14.09
N PHE A 38 -22.19 -20.48 -13.84
CA PHE A 38 -21.32 -20.76 -12.71
C PHE A 38 -22.04 -20.54 -11.37
N THR A 39 -22.78 -19.43 -11.26
CA THR A 39 -23.39 -19.08 -9.99
C THR A 39 -24.82 -19.59 -9.84
N VAL A 40 -25.48 -19.96 -10.94
CA VAL A 40 -26.85 -20.44 -10.85
C VAL A 40 -26.89 -21.80 -10.17
N VAL A 41 -25.88 -22.64 -10.40
CA VAL A 41 -25.87 -23.99 -9.83
C VAL A 41 -25.62 -23.97 -8.33
N VAL A 42 -25.12 -22.87 -7.79
CA VAL A 42 -24.76 -22.76 -6.37
C VAL A 42 -25.95 -22.96 -5.44
N PRO A 43 -27.08 -22.27 -5.59
CA PRO A 43 -28.19 -22.47 -4.65
C PRO A 43 -29.23 -23.50 -5.08
N ILE A 44 -28.97 -24.30 -6.11
CA ILE A 44 -29.95 -25.28 -6.57
C ILE A 44 -29.37 -26.69 -6.47
N VAL A 45 -28.07 -26.82 -6.57
CA VAL A 45 -27.41 -28.13 -6.60
C VAL A 45 -27.34 -28.74 -5.19
N PRO A 46 -26.84 -28.04 -4.17
CA PRO A 46 -26.87 -28.62 -2.82
C PRO A 46 -28.27 -28.90 -2.30
N THR A 47 -29.25 -28.09 -2.66
CA THR A 47 -30.62 -28.32 -2.19
C THR A 47 -31.23 -29.56 -2.85
N PHE A 48 -30.87 -29.84 -4.10
CA PHE A 48 -31.42 -31.00 -4.79
C PHE A 48 -30.94 -32.29 -4.16
N LEU A 49 -29.66 -32.36 -3.80
CA LEU A 49 -29.09 -33.62 -3.34
C LEU A 49 -29.62 -34.04 -1.97
N TYR A 50 -30.05 -33.07 -1.16
CA TYR A 50 -30.58 -33.41 0.16
C TYR A 50 -31.93 -34.10 0.06
N ASP A 51 -32.72 -33.77 -0.96
CA ASP A 51 -34.05 -34.34 -1.16
C ASP A 51 -34.98 -34.03 0.02
N GLU A 79 -19.51 -35.13 6.08
CA GLU A 79 -19.01 -35.78 4.88
C GLU A 79 -19.76 -35.31 3.64
N GLU A 80 -21.03 -34.95 3.83
CA GLU A 80 -21.83 -34.46 2.72
C GLU A 80 -21.31 -33.12 2.20
N ILE A 81 -20.72 -32.31 3.08
CA ILE A 81 -20.18 -31.02 2.67
C ILE A 81 -18.99 -31.22 1.72
N THR A 82 -18.15 -32.21 2.00
CA THR A 82 -17.01 -32.49 1.14
C THR A 82 -17.45 -32.96 -0.25
N ARG A 83 -18.48 -33.81 -0.30
CA ARG A 83 -19.00 -34.26 -1.58
C ARG A 83 -19.59 -33.12 -2.39
N VAL A 84 -20.35 -32.24 -1.73
CA VAL A 84 -20.90 -31.07 -2.40
C VAL A 84 -19.79 -30.11 -2.80
N GLY A 85 -18.76 -30.00 -1.97
CA GLY A 85 -17.67 -29.07 -2.25
C GLY A 85 -16.86 -29.47 -3.47
N VAL A 86 -16.57 -30.76 -3.63
CA VAL A 86 -15.78 -31.20 -4.77
C VAL A 86 -16.57 -31.09 -6.06
N LEU A 87 -17.91 -31.14 -5.98
CA LEU A 87 -18.73 -30.94 -7.17
C LEU A 87 -18.57 -29.54 -7.73
N PHE A 88 -18.50 -28.54 -6.85
CA PHE A 88 -18.32 -27.17 -7.32
C PHE A 88 -16.94 -26.93 -7.92
N ALA A 89 -15.92 -27.64 -7.40
CA ALA A 89 -14.55 -27.41 -7.84
C ALA A 89 -14.17 -28.24 -9.06
N SER A 90 -15.09 -29.02 -9.61
CA SER A 90 -14.77 -29.84 -10.78
C SER A 90 -14.45 -28.97 -11.99
N LYS A 91 -15.23 -27.91 -12.22
CA LYS A 91 -14.98 -27.03 -13.35
C LYS A 91 -13.64 -26.31 -13.22
N ALA A 92 -13.31 -25.86 -12.01
CA ALA A 92 -12.06 -25.15 -11.80
C ALA A 92 -10.85 -26.07 -11.92
N VAL A 93 -11.01 -27.35 -11.54
CA VAL A 93 -9.87 -28.26 -11.52
C VAL A 93 -9.40 -28.59 -12.93
N MET A 94 -10.35 -28.80 -13.85
CA MET A 94 -10.01 -29.32 -15.18
C MET A 94 -9.81 -28.24 -16.22
N GLN A 95 -10.39 -27.05 -16.05
CA GLN A 95 -10.12 -25.94 -16.95
C GLN A 95 -8.67 -25.50 -16.88
N LEU A 96 -8.00 -25.74 -15.75
CA LEU A 96 -6.56 -25.59 -15.67
C LEU A 96 -5.85 -26.50 -16.66
N LEU A 97 -6.29 -27.75 -16.76
CA LEU A 97 -5.59 -28.72 -17.61
C LEU A 97 -5.79 -28.42 -19.09
N VAL A 98 -7.01 -28.09 -19.49
CA VAL A 98 -7.30 -27.86 -20.90
C VAL A 98 -6.66 -26.57 -21.41
N ASN A 99 -6.34 -25.64 -20.50
CA ASN A 99 -5.80 -24.34 -20.90
C ASN A 99 -4.47 -24.42 -21.65
N PRO A 100 -3.48 -25.18 -21.21
CA PRO A 100 -2.24 -25.30 -22.00
C PRO A 100 -2.45 -25.91 -23.38
N PHE A 101 -3.47 -26.75 -23.56
CA PHE A 101 -3.77 -27.30 -24.87
C PHE A 101 -4.63 -26.38 -25.72
N VAL A 102 -5.14 -25.30 -25.15
CA VAL A 102 -6.00 -24.38 -25.90
C VAL A 102 -5.21 -23.18 -26.43
N GLY A 103 -4.18 -22.74 -25.71
CA GLY A 103 -3.39 -21.58 -26.10
C GLY A 103 -2.67 -21.77 -27.42
N PRO A 104 -1.77 -22.74 -27.48
CA PRO A 104 -1.09 -23.03 -28.76
C PRO A 104 -2.03 -23.51 -29.85
N LEU A 105 -3.17 -24.10 -29.48
CA LEU A 105 -4.13 -24.56 -30.48
C LEU A 105 -4.76 -23.39 -31.22
N THR A 106 -4.91 -22.24 -30.56
CA THR A 106 -5.53 -21.08 -31.19
C THR A 106 -4.67 -20.48 -32.30
N ASN A 107 -3.37 -20.75 -32.29
CA ASN A 107 -2.50 -20.23 -33.34
C ASN A 107 -2.83 -20.86 -34.69
N ARG A 108 -3.16 -22.14 -34.71
CA ARG A 108 -3.32 -22.86 -35.97
C ARG A 108 -4.73 -22.83 -36.54
N ILE A 109 -5.75 -22.43 -35.76
CA ILE A 109 -7.12 -22.46 -36.23
C ILE A 109 -7.85 -21.13 -36.02
N GLY A 110 -7.21 -20.14 -35.42
CA GLY A 110 -7.88 -18.87 -35.16
C GLY A 110 -8.70 -18.92 -33.89
N TYR A 111 -9.44 -17.83 -33.66
CA TYR A 111 -10.19 -17.64 -32.43
C TYR A 111 -11.68 -17.99 -32.56
N HIS A 112 -12.22 -17.99 -33.78
CA HIS A 112 -13.67 -18.20 -33.95
C HIS A 112 -14.09 -19.61 -33.56
N ILE A 113 -13.36 -20.61 -34.07
CA ILE A 113 -13.75 -22.00 -33.83
C ILE A 113 -13.69 -22.40 -32.37
N PRO A 114 -12.65 -22.05 -31.59
CA PRO A 114 -12.69 -22.35 -30.15
C PRO A 114 -13.85 -21.73 -29.40
N MET A 115 -14.26 -20.51 -29.75
CA MET A 115 -15.39 -19.92 -29.02
C MET A 115 -16.71 -20.53 -29.47
N PHE A 116 -16.83 -20.91 -30.75
CA PHE A 116 -18.03 -21.64 -31.16
C PHE A 116 -18.10 -23.00 -30.47
N ALA A 117 -16.96 -23.68 -30.32
CA ALA A 117 -16.93 -24.93 -29.58
C ALA A 117 -17.31 -24.71 -28.12
N GLY A 118 -16.85 -23.61 -27.52
CA GLY A 118 -17.24 -23.29 -26.16
C GLY A 118 -18.73 -23.06 -26.03
N PHE A 119 -19.33 -22.39 -27.03
CA PHE A 119 -20.79 -22.24 -27.06
C PHE A 119 -21.49 -23.59 -27.13
N VAL A 120 -20.99 -24.50 -27.98
CA VAL A 120 -21.62 -25.81 -28.13
C VAL A 120 -21.54 -26.59 -26.82
N ILE A 121 -20.38 -26.58 -26.18
CA ILE A 121 -20.21 -27.30 -24.91
C ILE A 121 -21.05 -26.66 -23.82
N MET A 122 -21.19 -25.33 -23.82
CA MET A 122 -22.03 -24.68 -22.82
C MET A 122 -23.50 -25.05 -23.01
N PHE A 123 -23.96 -25.13 -24.26
CA PHE A 123 -25.33 -25.56 -24.53
C PHE A 123 -25.55 -27.00 -24.08
N LEU A 124 -24.56 -27.88 -24.35
CA LEU A 124 -24.67 -29.26 -23.90
C LEU A 124 -24.68 -29.35 -22.38
N SER A 125 -23.88 -28.53 -21.71
CA SER A 125 -23.84 -28.53 -20.25
C SER A 125 -25.17 -28.06 -19.68
N THR A 126 -25.77 -27.03 -20.26
CA THR A 126 -27.05 -26.54 -19.74
C THR A 126 -28.17 -27.54 -20.00
N VAL A 127 -28.16 -28.22 -21.15
CA VAL A 127 -29.21 -29.20 -21.42
C VAL A 127 -29.04 -30.42 -20.53
N MET A 128 -27.79 -30.77 -20.21
CA MET A 128 -27.55 -31.88 -19.28
C MET A 128 -27.97 -31.49 -17.86
N PHE A 129 -27.74 -30.24 -17.48
CA PHE A 129 -28.17 -29.77 -16.16
C PHE A 129 -29.69 -29.78 -16.05
N ALA A 130 -30.39 -29.42 -17.14
CA ALA A 130 -31.84 -29.32 -17.09
C ALA A 130 -32.53 -30.67 -16.90
N PHE A 131 -31.86 -31.78 -17.21
CA PHE A 131 -32.47 -33.10 -17.19
C PHE A 131 -31.89 -34.03 -16.13
N SER A 132 -30.59 -33.97 -15.87
CA SER A 132 -29.96 -34.92 -14.97
C SER A 132 -30.41 -34.69 -13.53
N GLY A 133 -30.51 -35.78 -12.77
CA GLY A 133 -30.94 -35.72 -11.39
C GLY A 133 -30.16 -36.64 -10.47
N THR A 134 -28.90 -36.90 -10.80
CA THR A 134 -28.04 -37.76 -9.99
C THR A 134 -26.68 -37.12 -9.83
N TYR A 135 -25.94 -37.59 -8.82
CA TYR A 135 -24.61 -37.05 -8.56
C TYR A 135 -23.65 -37.36 -9.71
N THR A 136 -23.72 -38.56 -10.25
CA THR A 136 -22.79 -38.95 -11.31
C THR A 136 -23.05 -38.22 -12.62
N LEU A 137 -24.30 -37.81 -12.87
CA LEU A 137 -24.60 -37.04 -14.06
C LEU A 137 -24.49 -35.54 -13.84
N LEU A 138 -24.38 -35.10 -12.58
CA LEU A 138 -24.14 -33.71 -12.24
C LEU A 138 -22.65 -33.39 -12.15
N PHE A 139 -21.81 -34.23 -12.75
CA PHE A 139 -20.36 -34.09 -12.72
C PHE A 139 -19.78 -33.91 -14.11
N VAL A 140 -20.21 -34.71 -15.08
CA VAL A 140 -19.79 -34.51 -16.46
C VAL A 140 -20.31 -33.19 -17.01
N ALA A 141 -21.47 -32.74 -16.53
CA ALA A 141 -21.98 -31.43 -16.94
C ALA A 141 -21.06 -30.31 -16.46
N ARG A 142 -20.57 -30.39 -15.22
CA ARG A 142 -19.59 -29.42 -14.74
C ARG A 142 -18.28 -29.53 -15.49
N THR A 143 -17.89 -30.75 -15.87
CA THR A 143 -16.72 -30.98 -16.71
C THR A 143 -16.83 -30.21 -18.03
N LEU A 144 -17.95 -30.39 -18.71
CA LEU A 144 -18.17 -29.71 -19.99
C LEU A 144 -18.26 -28.20 -19.80
N GLN A 145 -18.85 -27.75 -18.68
CA GLN A 145 -18.92 -26.32 -18.41
C GLN A 145 -17.53 -25.73 -18.22
N GLY A 146 -16.65 -26.44 -17.52
CA GLY A 146 -15.29 -25.97 -17.37
C GLY A 146 -14.52 -25.91 -18.68
N ILE A 147 -14.68 -26.94 -19.52
CA ILE A 147 -13.99 -26.96 -20.82
C ILE A 147 -14.47 -25.81 -21.70
N GLY A 148 -15.79 -25.61 -21.76
CA GLY A 148 -16.34 -24.51 -22.54
C GLY A 148 -15.95 -23.16 -21.99
N SER A 149 -15.87 -23.03 -20.67
CA SER A 149 -15.44 -21.77 -20.06
C SER A 149 -14.00 -21.44 -20.43
N SER A 150 -13.12 -22.45 -20.39
CA SER A 150 -11.73 -22.24 -20.78
C SER A 150 -11.62 -21.81 -22.23
N PHE A 151 -12.33 -22.52 -23.12
CA PHE A 151 -12.31 -22.19 -24.54
C PHE A 151 -12.82 -20.78 -24.80
N SER A 152 -13.97 -20.43 -24.21
CA SER A 152 -14.58 -19.13 -24.42
C SER A 152 -13.71 -18.01 -23.87
N SER A 153 -13.15 -18.18 -22.67
CA SER A 153 -12.34 -17.13 -22.07
C SER A 153 -11.07 -16.89 -22.88
N VAL A 154 -10.37 -17.97 -23.26
CA VAL A 154 -9.12 -17.81 -24.00
C VAL A 154 -9.38 -17.20 -25.37
N ALA A 155 -10.40 -17.70 -26.07
CA ALA A 155 -10.69 -17.18 -27.41
C ALA A 155 -11.15 -15.73 -27.36
N GLY A 156 -12.01 -15.38 -26.40
CA GLY A 156 -12.49 -14.00 -26.32
C GLY A 156 -11.39 -13.02 -25.96
N LEU A 157 -10.55 -13.35 -24.98
CA LEU A 157 -9.48 -12.44 -24.61
C LEU A 157 -8.44 -12.34 -25.73
N GLY A 158 -8.17 -13.45 -26.42
CA GLY A 158 -7.24 -13.39 -27.55
C GLY A 158 -7.74 -12.53 -28.68
N MET A 159 -9.03 -12.67 -29.03
CA MET A 159 -9.57 -11.84 -30.10
C MET A 159 -9.65 -10.38 -29.70
N LEU A 160 -9.97 -10.09 -28.43
CA LEU A 160 -9.99 -8.71 -27.97
C LEU A 160 -8.61 -8.09 -28.02
N ALA A 161 -7.57 -8.86 -27.66
CA ALA A 161 -6.21 -8.36 -27.77
C ALA A 161 -5.82 -8.16 -29.23
N SER A 162 -6.23 -9.07 -30.11
CA SER A 162 -5.82 -8.99 -31.51
C SER A 162 -6.47 -7.82 -32.23
N VAL A 163 -7.78 -7.63 -32.04
CA VAL A 163 -8.48 -6.56 -32.74
C VAL A 163 -8.07 -5.19 -32.21
N TYR A 164 -8.01 -5.04 -30.89
CA TYR A 164 -7.71 -3.77 -30.26
C TYR A 164 -6.20 -3.66 -30.10
N THR A 165 -5.57 -2.84 -30.95
CA THR A 165 -4.12 -2.73 -30.97
C THR A 165 -3.58 -1.67 -30.03
N ASP A 166 -4.23 -0.51 -29.96
CA ASP A 166 -3.77 0.58 -29.09
C ASP A 166 -3.92 0.19 -27.64
N ASP A 167 -2.87 0.42 -26.85
CA ASP A 167 -2.87 0.02 -25.44
C ASP A 167 -3.92 0.77 -24.65
N HIS A 168 -4.03 2.09 -24.86
CA HIS A 168 -5.03 2.88 -24.16
C HIS A 168 -6.44 2.45 -24.54
N GLU A 169 -6.67 2.19 -25.82
CA GLU A 169 -7.96 1.68 -26.26
C GLU A 169 -8.18 0.24 -25.81
N ARG A 170 -7.12 -0.57 -25.77
CA ARG A 170 -7.24 -1.95 -25.32
C ARG A 170 -7.52 -2.04 -23.82
N GLY A 171 -7.21 -1.00 -23.07
CA GLY A 171 -7.47 -1.02 -21.64
C GLY A 171 -8.91 -0.78 -21.24
N ARG A 172 -9.79 -0.49 -22.20
CA ARG A 172 -11.21 -0.29 -21.93
C ARG A 172 -12.08 -1.45 -22.39
N ALA A 173 -11.70 -2.12 -23.48
CA ALA A 173 -12.46 -3.28 -23.93
C ALA A 173 -12.38 -4.42 -22.92
N MET A 174 -11.19 -4.68 -22.39
CA MET A 174 -11.07 -5.72 -21.37
C MET A 174 -11.74 -5.31 -20.07
N GLY A 175 -11.75 -4.00 -19.78
CA GLY A 175 -12.50 -3.54 -18.62
C GLY A 175 -13.99 -3.78 -18.75
N THR A 176 -14.55 -3.50 -19.94
CA THR A 176 -15.97 -3.76 -20.13
C THR A 176 -16.28 -5.25 -20.19
N ALA A 177 -15.34 -6.06 -20.68
CA ALA A 177 -15.53 -7.51 -20.65
C ALA A 177 -15.54 -8.04 -19.21
N LEU A 178 -14.62 -7.55 -18.37
CA LEU A 178 -14.65 -7.92 -16.96
C LEU A 178 -15.90 -7.40 -16.27
N GLY A 179 -16.40 -6.23 -16.68
CA GLY A 179 -17.66 -5.75 -16.15
C GLY A 179 -18.82 -6.66 -16.52
N GLY A 180 -18.82 -7.18 -17.75
CA GLY A 180 -19.84 -8.14 -18.13
C GLY A 180 -19.74 -9.44 -17.36
N LEU A 181 -18.52 -9.89 -17.10
CA LEU A 181 -18.33 -11.09 -16.27
C LEU A 181 -18.84 -10.85 -14.85
N ALA A 182 -18.57 -9.66 -14.31
CA ALA A 182 -19.10 -9.30 -13.00
C ALA A 182 -20.62 -9.26 -12.99
N LEU A 183 -21.21 -8.74 -14.07
CA LEU A 183 -22.66 -8.70 -14.20
C LEU A 183 -23.25 -10.11 -14.21
N GLY A 184 -22.60 -11.02 -14.95
CA GLY A 184 -23.07 -12.40 -14.97
C GLY A 184 -22.98 -13.07 -13.62
N LEU A 185 -21.84 -12.90 -12.94
CA LEU A 185 -21.68 -13.48 -11.61
C LEU A 185 -22.62 -12.85 -10.60
N LEU A 186 -23.00 -11.59 -10.80
CA LEU A 186 -23.92 -10.93 -9.89
C LEU A 186 -25.36 -11.40 -10.12
N VAL A 187 -25.75 -11.59 -11.38
CA VAL A 187 -27.14 -11.91 -11.69
C VAL A 187 -27.43 -13.40 -11.73
N GLY A 188 -26.41 -14.26 -11.69
CA GLY A 188 -26.66 -15.69 -11.74
C GLY A 188 -27.40 -16.29 -10.56
N ALA A 189 -27.04 -15.88 -9.35
CA ALA A 189 -27.56 -16.59 -8.17
C ALA A 189 -29.03 -16.30 -7.88
N PRO A 190 -29.47 -15.04 -7.72
CA PRO A 190 -30.90 -14.80 -7.44
C PRO A 190 -31.82 -15.24 -8.56
N PHE A 191 -31.36 -15.18 -9.82
CA PHE A 191 -32.14 -15.69 -10.94
C PHE A 191 -32.43 -17.17 -10.78
N GLY A 192 -31.39 -17.97 -10.52
CA GLY A 192 -31.59 -19.39 -10.32
C GLY A 192 -32.41 -19.69 -9.08
N SER A 193 -32.23 -18.89 -8.03
CA SER A 193 -32.99 -19.11 -6.79
C SER A 193 -34.48 -18.89 -7.02
N VAL A 194 -34.85 -17.78 -7.68
CA VAL A 194 -36.27 -17.52 -7.93
C VAL A 194 -36.84 -18.51 -8.93
N MET A 195 -36.06 -18.91 -9.95
CA MET A 195 -36.55 -19.87 -10.93
C MET A 195 -36.80 -21.23 -10.28
N TYR A 196 -35.91 -21.67 -9.40
CA TYR A 196 -36.14 -22.91 -8.67
C TYR A 196 -37.31 -22.78 -7.70
N GLU A 197 -37.47 -21.61 -7.08
CA GLU A 197 -38.53 -21.43 -6.10
C GLU A 197 -39.92 -21.48 -6.75
N PHE A 198 -40.08 -20.85 -7.91
CA PHE A 198 -41.42 -20.64 -8.45
C PHE A 198 -41.76 -21.50 -9.66
N VAL A 199 -40.80 -21.81 -10.52
CA VAL A 199 -41.10 -22.55 -11.75
C VAL A 199 -40.46 -23.94 -11.79
N GLY A 200 -39.45 -24.20 -10.98
CA GLY A 200 -38.85 -25.51 -10.90
C GLY A 200 -37.38 -25.49 -11.28
N LYS A 201 -36.78 -26.68 -11.22
CA LYS A 201 -35.34 -26.81 -11.45
C LYS A 201 -35.00 -26.69 -12.93
N SER A 202 -35.78 -27.30 -13.81
CA SER A 202 -35.46 -27.38 -15.22
C SER A 202 -35.71 -26.08 -15.97
N ALA A 203 -36.37 -25.10 -15.35
CA ALA A 203 -36.71 -23.85 -16.01
C ALA A 203 -35.50 -22.94 -16.26
N PRO A 204 -34.71 -22.59 -15.23
CA PRO A 204 -33.56 -21.69 -15.48
C PRO A 204 -32.52 -22.25 -16.44
N PHE A 205 -32.26 -23.56 -16.40
CA PHE A 205 -31.32 -24.13 -17.36
C PHE A 205 -31.87 -24.10 -18.77
N LEU A 206 -33.18 -24.29 -18.94
CA LEU A 206 -33.79 -24.15 -20.25
C LEU A 206 -33.70 -22.72 -20.77
N ILE A 207 -33.93 -21.74 -19.89
CA ILE A 207 -33.80 -20.34 -20.29
C ILE A 207 -32.37 -20.01 -20.66
N LEU A 208 -31.41 -20.56 -19.90
CA LEU A 208 -30.00 -20.37 -20.24
C LEU A 208 -29.67 -21.01 -21.58
N ALA A 209 -30.27 -22.17 -21.88
CA ALA A 209 -30.07 -22.81 -23.17
C ALA A 209 -30.63 -21.95 -24.31
N PHE A 210 -31.80 -21.34 -24.09
CA PHE A 210 -32.37 -20.45 -25.11
C PHE A 210 -31.50 -19.22 -25.33
N LEU A 211 -30.99 -18.63 -24.24
CA LEU A 211 -30.08 -17.49 -24.37
C LEU A 211 -28.78 -17.90 -25.05
N ALA A 212 -28.30 -19.12 -24.77
CA ALA A 212 -27.11 -19.62 -25.44
C ALA A 212 -27.37 -19.82 -26.93
N LEU A 213 -28.56 -20.27 -27.29
CA LEU A 213 -28.92 -20.38 -28.71
C LEU A 213 -28.95 -19.03 -29.38
N LEU A 214 -29.47 -18.01 -28.68
CA LEU A 214 -29.43 -16.65 -29.21
C LEU A 214 -28.00 -16.17 -29.39
N ASP A 215 -27.13 -16.46 -28.42
CA ASP A 215 -25.73 -16.07 -28.53
C ASP A 215 -25.04 -16.80 -29.68
N GLY A 216 -25.38 -18.08 -29.90
CA GLY A 216 -24.81 -18.81 -31.02
C GLY A 216 -25.28 -18.27 -32.35
N ALA A 217 -26.55 -17.87 -32.44
CA ALA A 217 -27.04 -17.22 -33.65
C ALA A 217 -26.31 -15.91 -33.91
N LEU A 218 -26.09 -15.12 -32.84
CA LEU A 218 -25.32 -13.89 -32.98
C LEU A 218 -23.90 -14.17 -33.44
N GLN A 219 -23.27 -15.19 -32.88
CA GLN A 219 -21.90 -15.55 -33.25
C GLN A 219 -21.81 -15.98 -34.71
N LEU A 220 -22.77 -16.77 -35.16
CA LEU A 220 -22.81 -17.15 -36.57
C LEU A 220 -23.08 -15.93 -37.45
N CYS A 221 -23.83 -14.96 -36.95
CA CYS A 221 -24.10 -13.75 -37.72
C CYS A 221 -22.83 -12.93 -37.93
N ILE A 222 -22.09 -12.64 -36.87
CA ILE A 222 -20.98 -11.68 -36.95
C ILE A 222 -19.63 -12.39 -37.14
N LEU A 223 -19.30 -13.34 -36.28
CA LEU A 223 -17.95 -13.90 -36.29
C LEU A 223 -17.70 -14.80 -37.49
N GLN A 224 -18.72 -15.53 -37.95
CA GLN A 224 -18.63 -16.43 -39.09
C GLN A 224 -17.61 -17.54 -38.85
N PRO A 225 -17.88 -18.47 -37.92
CA PRO A 225 -16.96 -19.60 -37.67
C PRO A 225 -17.18 -20.77 -38.63
N SER A 226 -16.61 -20.63 -39.83
CA SER A 226 -16.81 -21.63 -40.88
C SER A 226 -15.51 -22.09 -41.54
N LYS A 227 -14.36 -21.52 -41.19
CA LYS A 227 -13.11 -21.90 -41.81
C LYS A 227 -11.98 -21.76 -40.80
N VAL A 228 -10.88 -22.45 -41.09
CA VAL A 228 -9.70 -22.43 -40.23
C VAL A 228 -8.66 -21.52 -40.87
N SER A 229 -8.30 -20.45 -40.16
CA SER A 229 -7.33 -19.48 -40.64
C SER A 229 -6.13 -19.46 -39.72
N PRO A 230 -4.95 -19.86 -40.19
CA PRO A 230 -3.77 -19.84 -39.31
C PRO A 230 -3.16 -18.45 -39.25
N GLU A 231 -2.68 -18.10 -38.05
CA GLU A 231 -2.04 -16.80 -37.86
C GLU A 231 -0.67 -16.77 -38.56
N SER A 232 -0.39 -15.66 -39.23
CA SER A 232 0.85 -15.55 -40.00
C SER A 232 2.08 -15.54 -39.08
N ALA A 233 2.03 -14.75 -38.01
CA ALA A 233 3.16 -14.70 -37.09
C ALA A 233 3.21 -15.97 -36.24
N LYS A 234 4.41 -16.54 -36.10
CA LYS A 234 4.61 -17.74 -35.30
C LYS A 234 4.79 -17.32 -33.85
N GLY A 235 3.81 -17.65 -33.01
CA GLY A 235 3.87 -17.26 -31.62
C GLY A 235 4.97 -17.96 -30.86
N THR A 236 5.43 -17.31 -29.79
CA THR A 236 6.47 -17.88 -28.96
C THR A 236 5.95 -19.11 -28.22
N PRO A 237 6.81 -20.10 -28.00
CA PRO A 237 6.38 -21.28 -27.23
C PRO A 237 6.03 -20.90 -25.79
N LEU A 238 5.09 -21.66 -25.23
CA LEU A 238 4.60 -21.34 -23.89
C LEU A 238 5.66 -21.54 -22.82
N PHE A 239 6.59 -22.48 -23.03
CA PHE A 239 7.59 -22.77 -22.01
C PHE A 239 8.67 -21.71 -21.93
N MET A 240 8.75 -20.80 -22.90
CA MET A 240 9.64 -19.65 -22.81
C MET A 240 8.98 -18.44 -22.17
N LEU A 241 7.65 -18.42 -22.05
CA LEU A 241 6.93 -17.28 -21.50
C LEU A 241 6.88 -17.31 -19.98
N LEU A 242 7.32 -18.40 -19.35
CA LEU A 242 7.53 -18.43 -17.91
C LEU A 242 9.00 -18.27 -17.55
N LYS A 243 9.86 -17.99 -18.52
CA LYS A 243 11.27 -17.76 -18.28
C LYS A 243 11.62 -16.30 -18.10
N ASP A 244 10.65 -15.40 -18.28
CA ASP A 244 10.83 -13.99 -18.01
C ASP A 244 10.09 -13.62 -16.73
N PRO A 245 10.62 -12.72 -15.90
CA PRO A 245 10.00 -12.46 -14.60
C PRO A 245 8.71 -11.67 -14.65
N TYR A 246 8.55 -10.74 -15.61
CA TYR A 246 7.40 -9.85 -15.66
C TYR A 246 6.08 -10.57 -15.87
N ILE A 247 6.05 -11.52 -16.81
CA ILE A 247 4.84 -12.31 -17.03
C ILE A 247 4.54 -13.15 -15.80
N LEU A 248 5.58 -13.71 -15.19
CA LEU A 248 5.39 -14.48 -13.95
C LEU A 248 4.88 -13.59 -12.83
N VAL A 249 5.40 -12.35 -12.74
CA VAL A 249 4.94 -11.43 -11.70
C VAL A 249 3.48 -11.08 -11.89
N ALA A 250 3.07 -10.78 -13.13
CA ALA A 250 1.67 -10.45 -13.39
C ALA A 250 0.74 -11.64 -13.12
N ALA A 251 1.16 -12.84 -13.54
CA ALA A 251 0.37 -14.03 -13.30
C ALA A 251 0.24 -14.30 -11.80
N GLY A 252 1.33 -14.15 -11.06
CA GLY A 252 1.24 -14.29 -9.61
C GLY A 252 0.37 -13.24 -8.96
N SER A 253 0.36 -12.02 -9.53
CA SER A 253 -0.51 -10.96 -9.02
C SER A 253 -1.98 -11.35 -9.13
N ILE A 254 -2.39 -11.76 -10.33
CA ILE A 254 -3.78 -12.16 -10.56
C ILE A 254 -4.11 -13.38 -9.71
N CYS A 255 -3.17 -14.33 -9.62
CA CYS A 255 -3.38 -15.54 -8.84
C CYS A 255 -3.58 -15.24 -7.36
N PHE A 256 -2.76 -14.36 -6.80
CA PHE A 256 -2.87 -14.05 -5.37
C PHE A 256 -4.15 -13.29 -5.06
N ALA A 257 -4.52 -12.34 -5.93
CA ALA A 257 -5.78 -11.62 -5.73
C ALA A 257 -6.98 -12.57 -5.81
N ASN A 258 -6.94 -13.51 -6.75
CA ASN A 258 -8.06 -14.43 -6.89
C ASN A 258 -8.09 -15.47 -5.80
N MET A 259 -6.94 -15.89 -5.25
CA MET A 259 -6.96 -16.68 -4.02
C MET A 259 -7.61 -15.90 -2.89
N GLY A 260 -7.23 -14.62 -2.74
CA GLY A 260 -7.78 -13.81 -1.66
C GLY A 260 -9.28 -13.63 -1.76
N VAL A 261 -9.82 -13.60 -2.99
CA VAL A 261 -11.27 -13.53 -3.11
C VAL A 261 -11.91 -14.91 -3.00
N ALA A 262 -11.33 -15.94 -3.61
CA ALA A 262 -12.00 -17.22 -3.76
C ALA A 262 -11.99 -18.05 -2.49
N ILE A 263 -10.99 -17.88 -1.63
CA ILE A 263 -10.96 -18.66 -0.39
C ILE A 263 -12.08 -18.23 0.53
N LEU A 264 -12.49 -16.96 0.47
CA LEU A 264 -13.45 -16.43 1.42
C LEU A 264 -14.85 -17.00 1.19
N GLU A 265 -15.24 -17.10 -0.07
CA GLU A 265 -16.61 -17.57 -0.41
C GLU A 265 -16.95 -18.91 0.25
N PRO A 266 -16.32 -20.07 -0.04
CA PRO A 266 -16.78 -21.34 0.56
C PRO A 266 -16.64 -21.39 2.07
N THR A 267 -15.79 -20.56 2.66
CA THR A 267 -15.53 -20.62 4.09
C THR A 267 -16.32 -19.60 4.90
N LEU A 268 -16.83 -18.55 4.25
CA LEU A 268 -17.54 -17.50 4.98
C LEU A 268 -18.83 -17.97 5.64
N PRO A 269 -19.75 -18.66 4.96
CA PRO A 269 -20.99 -19.09 5.62
C PRO A 269 -20.79 -20.03 6.79
N ILE A 270 -19.78 -20.91 6.74
CA ILE A 270 -19.53 -21.82 7.85
C ILE A 270 -19.11 -21.05 9.09
N TRP A 271 -18.26 -20.03 8.92
CA TRP A 271 -17.89 -19.20 10.06
C TRP A 271 -19.05 -18.33 10.53
N MET A 272 -19.87 -17.86 9.59
CA MET A 272 -21.03 -17.03 9.95
C MET A 272 -22.00 -17.81 10.82
N MET A 273 -22.31 -19.05 10.44
CA MET A 273 -23.21 -19.86 11.24
C MET A 273 -22.61 -20.24 12.59
N GLN A 274 -21.28 -20.22 12.70
CA GLN A 274 -20.64 -20.60 13.95
C GLN A 274 -20.60 -19.45 14.94
N THR A 275 -20.23 -18.25 14.50
CA THR A 275 -20.12 -17.15 15.45
C THR A 275 -21.29 -16.16 15.39
N MET A 276 -21.68 -15.72 14.19
CA MET A 276 -22.70 -14.68 14.08
C MET A 276 -24.10 -15.17 14.39
N CYS A 277 -24.39 -16.44 14.10
CA CYS A 277 -25.72 -17.03 14.31
C CYS A 277 -26.77 -16.29 13.47
N SER A 278 -26.54 -16.27 12.18
CA SER A 278 -27.41 -15.53 11.26
C SER A 278 -28.38 -16.48 10.56
N PRO A 279 -29.53 -15.95 10.13
CA PRO A 279 -30.48 -16.76 9.36
C PRO A 279 -29.88 -17.17 8.02
N LYS A 280 -30.57 -18.12 7.38
CA LYS A 280 -30.05 -18.71 6.14
C LYS A 280 -30.05 -17.72 4.99
N TRP A 281 -31.08 -16.87 4.91
CA TRP A 281 -31.23 -16.01 3.74
C TRP A 281 -30.19 -14.90 3.68
N GLN A 282 -29.56 -14.55 4.80
CA GLN A 282 -28.54 -13.51 4.78
C GLN A 282 -27.23 -13.98 4.19
N LEU A 283 -27.05 -15.30 4.06
CA LEU A 283 -25.77 -15.85 3.57
C LEU A 283 -25.52 -15.44 2.12
N GLY A 284 -26.56 -15.44 1.29
CA GLY A 284 -26.40 -14.97 -0.07
C GLY A 284 -26.29 -13.47 -0.18
N LEU A 285 -26.95 -12.74 0.71
CA LEU A 285 -26.89 -11.29 0.68
C LEU A 285 -25.57 -10.74 1.22
N ALA A 286 -24.82 -11.56 1.96
CA ALA A 286 -23.55 -11.10 2.52
C ALA A 286 -22.54 -10.76 1.42
N PHE A 287 -22.47 -11.57 0.38
CA PHE A 287 -21.47 -11.39 -0.67
C PHE A 287 -21.96 -10.57 -1.86
N LEU A 288 -23.19 -10.07 -1.80
CA LEU A 288 -23.69 -9.14 -2.82
C LEU A 288 -22.84 -7.87 -2.94
N PRO A 289 -22.44 -7.20 -1.84
CA PRO A 289 -21.56 -6.04 -1.98
C PRO A 289 -20.24 -6.34 -2.65
N ALA A 290 -19.70 -7.55 -2.50
CA ALA A 290 -18.45 -7.90 -3.18
C ALA A 290 -18.63 -7.87 -4.69
N SER A 291 -19.71 -8.47 -5.19
CA SER A 291 -19.94 -8.47 -6.64
C SER A 291 -20.25 -7.07 -7.16
N VAL A 292 -21.05 -6.29 -6.41
CA VAL A 292 -21.39 -4.95 -6.85
C VAL A 292 -20.15 -4.05 -6.91
N SER A 293 -19.33 -4.12 -5.85
CA SER A 293 -18.10 -3.34 -5.82
C SER A 293 -17.12 -3.80 -6.89
N TYR A 294 -17.09 -5.11 -7.18
CA TYR A 294 -16.22 -5.60 -8.26
C TYR A 294 -16.63 -5.03 -9.60
N LEU A 295 -17.94 -5.02 -9.88
CA LEU A 295 -18.42 -4.47 -11.15
C LEU A 295 -18.11 -2.98 -11.27
N ILE A 296 -18.38 -2.22 -10.20
CA ILE A 296 -18.13 -0.78 -10.23
C ILE A 296 -16.63 -0.50 -10.37
N GLY A 297 -15.80 -1.24 -9.64
CA GLY A 297 -14.37 -1.03 -9.70
C GLY A 297 -13.78 -1.37 -11.04
N THR A 298 -14.21 -2.48 -11.65
CA THR A 298 -13.67 -2.83 -12.96
C THR A 298 -14.10 -1.81 -14.01
N ASN A 299 -15.36 -1.36 -13.95
CA ASN A 299 -15.86 -0.38 -14.92
C ASN A 299 -15.10 0.95 -14.80
N LEU A 300 -14.85 1.41 -13.58
CA LEU A 300 -14.17 2.68 -13.40
C LEU A 300 -12.68 2.58 -13.72
N PHE A 301 -12.03 1.52 -13.24
CA PHE A 301 -10.59 1.46 -13.36
C PHE A 301 -10.14 0.98 -14.73
N GLY A 302 -11.03 0.40 -15.54
CA GLY A 302 -10.70 0.17 -16.93
C GLY A 302 -10.42 1.46 -17.67
N VAL A 303 -11.15 2.52 -17.32
CA VAL A 303 -10.87 3.85 -17.86
C VAL A 303 -9.66 4.47 -17.16
N LEU A 304 -9.61 4.33 -15.83
CA LEU A 304 -8.60 5.08 -15.06
C LEU A 304 -7.19 4.48 -15.11
N ALA A 305 -7.02 3.24 -15.58
CA ALA A 305 -5.73 2.58 -15.48
C ALA A 305 -4.68 3.22 -16.36
N ASN A 306 -5.05 3.55 -17.60
CA ASN A 306 -4.09 4.17 -18.51
C ASN A 306 -3.67 5.55 -18.02
N LYS A 307 -4.63 6.32 -17.48
CA LYS A 307 -4.33 7.66 -17.00
C LYS A 307 -3.43 7.62 -15.76
N MET A 308 -3.80 6.81 -14.77
CA MET A 308 -3.09 6.86 -13.50
C MET A 308 -1.92 5.89 -13.42
N GLY A 309 -1.98 4.77 -14.13
CA GLY A 309 -0.81 3.88 -14.11
C GLY A 309 -1.20 2.46 -13.74
N ARG A 310 -0.67 1.51 -14.52
CA ARG A 310 -1.02 0.11 -14.30
C ARG A 310 -0.40 -0.43 -13.02
N TRP A 311 0.90 -0.16 -12.81
CA TRP A 311 1.60 -0.72 -11.66
C TRP A 311 1.06 -0.13 -10.36
N LEU A 312 0.74 1.17 -10.35
CA LEU A 312 0.19 1.78 -9.15
C LEU A 312 -1.20 1.24 -8.86
N CYS A 313 -1.99 1.01 -9.91
CA CYS A 313 -3.33 0.45 -9.74
C CYS A 313 -3.27 -0.96 -9.15
N SER A 314 -2.39 -1.81 -9.70
CA SER A 314 -2.24 -3.16 -9.18
C SER A 314 -1.71 -3.16 -7.76
N LEU A 315 -0.77 -2.25 -7.47
CA LEU A 315 -0.19 -2.13 -6.15
C LEU A 315 -1.25 -1.76 -5.12
N ILE A 316 -2.03 -0.71 -5.40
CA ILE A 316 -3.09 -0.28 -4.48
C ILE A 316 -4.17 -1.34 -4.35
N GLY A 317 -4.46 -2.07 -5.44
CA GLY A 317 -5.40 -3.17 -5.34
C GLY A 317 -4.92 -4.26 -4.40
N MET A 318 -3.63 -4.59 -4.47
CA MET A 318 -3.06 -5.55 -3.53
C MET A 318 -3.17 -5.07 -2.09
N LEU A 319 -2.84 -3.81 -1.83
CA LEU A 319 -2.90 -3.32 -0.45
C LEU A 319 -4.35 -3.29 0.05
N VAL A 320 -5.28 -2.90 -0.81
CA VAL A 320 -6.69 -2.84 -0.43
C VAL A 320 -7.22 -4.24 -0.13
N VAL A 321 -6.90 -5.22 -0.99
CA VAL A 321 -7.41 -6.56 -0.76
C VAL A 321 -6.76 -7.18 0.48
N GLY A 322 -5.48 -6.89 0.72
CA GLY A 322 -4.84 -7.40 1.92
C GLY A 322 -5.43 -6.83 3.19
N THR A 323 -5.67 -5.51 3.20
CA THR A 323 -6.30 -4.90 4.38
C THR A 323 -7.72 -5.39 4.57
N SER A 324 -8.45 -5.59 3.46
CA SER A 324 -9.81 -6.12 3.57
C SER A 324 -9.83 -7.52 4.14
N LEU A 325 -8.91 -8.38 3.69
CA LEU A 325 -8.81 -9.72 4.26
C LEU A 325 -8.40 -9.69 5.72
N LEU A 326 -7.53 -8.75 6.10
CA LEU A 326 -7.16 -8.61 7.50
C LEU A 326 -8.35 -8.19 8.35
N CYS A 327 -9.18 -7.28 7.86
CA CYS A 327 -10.31 -6.76 8.62
C CYS A 327 -11.57 -7.61 8.51
N VAL A 328 -11.58 -8.61 7.63
CA VAL A 328 -12.77 -9.48 7.50
C VAL A 328 -13.11 -10.23 8.78
N PRO A 329 -12.21 -10.98 9.42
CA PRO A 329 -12.62 -11.80 10.57
C PRO A 329 -12.83 -11.05 11.87
N LEU A 330 -12.90 -9.72 11.86
CA LEU A 330 -13.12 -8.95 13.08
C LEU A 330 -14.56 -8.54 13.29
N ALA A 331 -15.42 -8.71 12.29
CA ALA A 331 -16.81 -8.27 12.41
C ALA A 331 -17.57 -9.14 13.40
N HIS A 332 -18.49 -8.52 14.14
CA HIS A 332 -19.34 -9.23 15.09
C HIS A 332 -20.80 -9.28 14.66
N ASN A 333 -21.12 -8.81 13.47
CA ASN A 333 -22.49 -8.88 12.96
C ASN A 333 -22.44 -8.83 11.44
N ILE A 334 -23.62 -9.00 10.83
CA ILE A 334 -23.69 -9.06 9.37
C ILE A 334 -23.33 -7.71 8.75
N PHE A 335 -23.70 -6.61 9.41
CA PHE A 335 -23.46 -5.29 8.85
C PHE A 335 -21.98 -4.93 8.77
N GLY A 336 -21.14 -5.59 9.57
CA GLY A 336 -19.72 -5.28 9.56
C GLY A 336 -18.95 -5.80 8.37
N LEU A 337 -19.57 -6.65 7.55
CA LEU A 337 -18.90 -7.22 6.38
C LEU A 337 -19.16 -6.42 5.11
N ILE A 338 -19.95 -5.34 5.17
CA ILE A 338 -20.26 -4.58 3.98
C ILE A 338 -19.04 -3.82 3.49
N GLY A 339 -18.31 -3.20 4.40
CA GLY A 339 -17.16 -2.40 4.06
C GLY A 339 -15.98 -3.19 3.51
N PRO A 340 -15.48 -4.14 4.31
CA PRO A 340 -14.35 -4.97 3.83
C PRO A 340 -14.65 -5.75 2.56
N ASN A 341 -15.87 -6.25 2.40
CA ASN A 341 -16.21 -6.98 1.17
C ASN A 341 -16.23 -6.05 -0.03
N ALA A 342 -16.76 -4.83 0.13
CA ALA A 342 -16.76 -3.88 -0.97
C ALA A 342 -15.34 -3.47 -1.35
N GLY A 343 -14.49 -3.21 -0.35
CA GLY A 343 -13.10 -2.90 -0.64
C GLY A 343 -12.38 -4.06 -1.30
N LEU A 344 -12.71 -5.29 -0.89
CA LEU A 344 -12.11 -6.48 -1.49
C LEU A 344 -12.48 -6.60 -2.96
N GLY A 345 -13.76 -6.39 -3.27
CA GLY A 345 -14.20 -6.45 -4.65
C GLY A 345 -13.58 -5.36 -5.51
N LEU A 346 -13.49 -4.14 -4.95
CA LEU A 346 -12.82 -3.06 -5.67
C LEU A 346 -11.35 -3.38 -5.92
N ALA A 347 -10.69 -4.00 -4.95
CA ALA A 347 -9.29 -4.39 -5.13
C ALA A 347 -9.15 -5.43 -6.22
N ILE A 348 -10.06 -6.42 -6.27
CA ILE A 348 -10.02 -7.43 -7.33
C ILE A 348 -10.22 -6.79 -8.69
N GLY A 349 -11.19 -5.86 -8.78
CA GLY A 349 -11.40 -5.17 -10.04
C GLY A 349 -10.20 -4.36 -10.47
N MET A 350 -9.55 -3.69 -9.51
CA MET A 350 -8.34 -2.92 -9.80
C MET A 350 -7.23 -3.81 -10.34
N VAL A 351 -6.99 -4.94 -9.66
CA VAL A 351 -5.91 -5.84 -10.06
C VAL A 351 -6.19 -6.45 -11.43
N ASP A 352 -7.44 -6.88 -11.66
CA ASP A 352 -7.78 -7.52 -12.93
C ASP A 352 -7.69 -6.53 -14.08
N SER A 353 -8.25 -5.32 -13.90
CA SER A 353 -8.20 -4.32 -14.96
C SER A 353 -6.78 -3.84 -15.23
N SER A 354 -5.93 -3.80 -14.19
CA SER A 354 -4.56 -3.36 -14.39
C SER A 354 -3.73 -4.44 -15.09
N MET A 355 -3.91 -5.70 -14.72
CA MET A 355 -3.06 -6.77 -15.22
C MET A 355 -3.59 -7.44 -16.48
N MET A 356 -4.80 -7.11 -16.95
CA MET A 356 -5.27 -7.68 -18.21
C MET A 356 -4.51 -7.11 -19.41
N PRO A 357 -4.53 -5.81 -19.67
CA PRO A 357 -3.80 -5.30 -20.85
C PRO A 357 -2.29 -5.39 -20.71
N ILE A 358 -1.77 -5.52 -19.49
CA ILE A 358 -0.32 -5.52 -19.28
C ILE A 358 0.32 -6.76 -19.88
N MET A 359 -0.40 -7.88 -19.94
CA MET A 359 0.14 -9.10 -20.53
C MET A 359 0.39 -8.92 -22.02
N GLY A 360 -0.62 -8.42 -22.74
CA GLY A 360 -0.43 -8.11 -24.15
C GLY A 360 0.58 -7.02 -24.37
N HIS A 361 0.66 -6.06 -23.44
CA HIS A 361 1.66 -5.00 -23.55
C HIS A 361 3.07 -5.57 -23.47
N LEU A 362 3.31 -6.48 -22.53
CA LEU A 362 4.62 -7.11 -22.41
C LEU A 362 4.94 -7.97 -23.64
N VAL A 363 3.94 -8.72 -24.13
CA VAL A 363 4.16 -9.59 -25.28
C VAL A 363 4.49 -8.76 -26.52
N ASP A 364 3.80 -7.63 -26.70
CA ASP A 364 4.14 -6.75 -27.81
C ASP A 364 5.49 -6.08 -27.60
N LEU A 365 5.84 -5.80 -26.35
CA LEU A 365 7.10 -5.10 -26.06
C LEU A 365 8.30 -5.98 -26.38
N ARG A 366 8.25 -7.26 -26.03
CA ARG A 366 9.39 -8.14 -26.24
C ARG A 366 9.14 -9.24 -27.26
N HIS A 367 8.12 -10.06 -27.07
CA HIS A 367 7.93 -11.25 -27.87
C HIS A 367 7.15 -10.92 -29.15
N THR A 368 6.76 -11.96 -29.88
CA THR A 368 5.99 -11.80 -31.11
C THR A 368 4.52 -11.56 -30.78
N SER A 369 3.80 -10.94 -31.72
CA SER A 369 2.42 -10.52 -31.52
C SER A 369 1.48 -11.72 -31.69
N VAL A 370 1.42 -12.54 -30.64
CA VAL A 370 0.47 -13.64 -30.51
C VAL A 370 0.03 -13.68 -29.06
N TYR A 371 -1.24 -13.39 -28.81
CA TYR A 371 -1.72 -13.11 -27.46
C TYR A 371 -2.46 -14.28 -26.83
N GLY A 372 -2.55 -15.43 -27.50
CA GLY A 372 -3.28 -16.55 -26.92
C GLY A 372 -2.62 -17.13 -25.68
N SER A 373 -1.30 -17.30 -25.73
CA SER A 373 -0.61 -18.03 -24.66
C SER A 373 -0.62 -17.27 -23.34
N VAL A 374 -0.39 -15.96 -23.38
CA VAL A 374 -0.28 -15.20 -22.14
C VAL A 374 -1.63 -15.08 -21.46
N TYR A 375 -2.70 -14.90 -22.23
CA TYR A 375 -4.03 -14.88 -21.63
C TYR A 375 -4.47 -16.27 -21.21
N ALA A 376 -3.93 -17.31 -21.87
CA ALA A 376 -4.12 -18.66 -21.36
C ALA A 376 -3.48 -18.83 -19.99
N ILE A 377 -2.29 -18.26 -19.81
CA ILE A 377 -1.64 -18.28 -18.49
C ILE A 377 -2.47 -17.53 -17.46
N ALA A 378 -3.03 -16.39 -17.86
CA ALA A 378 -3.89 -15.61 -16.96
C ALA A 378 -5.13 -16.40 -16.56
N ASP A 379 -5.77 -17.07 -17.53
CA ASP A 379 -6.92 -17.90 -17.21
C ASP A 379 -6.53 -19.09 -16.34
N VAL A 380 -5.31 -19.61 -16.53
CA VAL A 380 -4.80 -20.67 -15.66
C VAL A 380 -4.67 -20.17 -14.23
N ALA A 381 -4.17 -18.95 -14.06
CA ALA A 381 -4.07 -18.36 -12.72
C ALA A 381 -5.45 -18.19 -12.09
N PHE A 382 -6.41 -17.67 -12.88
CA PHE A 382 -7.80 -17.53 -12.46
C PHE A 382 -8.38 -18.85 -11.97
N CYS A 383 -8.26 -19.89 -12.80
CA CYS A 383 -8.92 -21.15 -12.50
C CYS A 383 -8.22 -21.90 -11.37
N MET A 384 -6.89 -21.82 -11.29
CA MET A 384 -6.19 -22.48 -10.20
C MET A 384 -6.49 -21.80 -8.87
N GLY A 385 -6.62 -20.47 -8.87
CA GLY A 385 -7.08 -19.79 -7.67
C GLY A 385 -8.49 -20.17 -7.28
N PHE A 386 -9.38 -20.31 -8.27
CA PHE A 386 -10.75 -20.71 -7.97
C PHE A 386 -10.87 -22.19 -7.62
N ALA A 387 -9.86 -22.99 -7.93
CA ALA A 387 -9.91 -24.44 -7.71
C ALA A 387 -9.26 -24.86 -6.39
N ILE A 388 -8.17 -24.19 -5.98
CA ILE A 388 -7.53 -24.55 -4.72
C ILE A 388 -8.44 -24.21 -3.53
N GLY A 389 -9.25 -23.16 -3.66
CA GLY A 389 -10.03 -22.66 -2.55
C GLY A 389 -11.11 -23.58 -2.02
N PRO A 390 -12.14 -23.84 -2.85
CA PRO A 390 -13.31 -24.60 -2.34
C PRO A 390 -13.00 -26.03 -1.92
N SER A 391 -12.03 -26.68 -2.54
CA SER A 391 -11.76 -28.09 -2.22
C SER A 391 -11.05 -28.24 -0.89
N THR A 392 -10.30 -27.23 -0.46
CA THR A 392 -9.47 -27.32 0.74
C THR A 392 -9.83 -26.30 1.81
N GLY A 393 -10.87 -25.49 1.60
CA GLY A 393 -11.20 -24.44 2.56
C GLY A 393 -11.64 -24.99 3.90
N GLY A 394 -12.55 -25.98 3.88
CA GLY A 394 -12.99 -26.58 5.12
C GLY A 394 -11.88 -27.30 5.86
N ALA A 395 -11.01 -28.00 5.11
CA ALA A 395 -9.88 -28.67 5.73
C ALA A 395 -8.93 -27.68 6.38
N ILE A 396 -8.62 -26.57 5.70
CA ILE A 396 -7.72 -25.58 6.27
C ILE A 396 -8.35 -24.89 7.47
N VAL A 397 -9.68 -24.68 7.42
CA VAL A 397 -10.36 -24.06 8.56
C VAL A 397 -10.33 -24.99 9.77
N LYS A 398 -10.54 -26.30 9.55
CA LYS A 398 -10.45 -27.25 10.65
C LYS A 398 -9.02 -27.45 11.12
N ALA A 399 -8.04 -27.18 10.27
CA ALA A 399 -6.64 -27.37 10.67
C ALA A 399 -6.10 -26.19 11.46
N ILE A 400 -6.14 -24.98 10.88
CA ILE A 400 -5.50 -23.83 11.51
C ILE A 400 -6.52 -22.79 11.93
N GLY A 401 -7.65 -22.73 11.23
CA GLY A 401 -8.67 -21.74 11.57
C GLY A 401 -8.89 -20.68 10.52
N PHE A 402 -10.13 -20.20 10.40
CA PHE A 402 -10.46 -19.18 9.40
C PHE A 402 -9.73 -17.86 9.60
N PRO A 403 -9.71 -17.25 10.80
CA PRO A 403 -9.00 -15.97 10.95
C PRO A 403 -7.51 -16.05 10.65
N TRP A 404 -6.86 -17.14 11.04
CA TRP A 404 -5.46 -17.31 10.71
C TRP A 404 -5.27 -17.44 9.20
N LEU A 405 -6.17 -18.15 8.52
CA LEU A 405 -6.09 -18.30 7.07
C LEU A 405 -6.23 -16.95 6.36
N MET A 406 -7.19 -16.13 6.82
CA MET A 406 -7.32 -14.79 6.27
C MET A 406 -6.08 -13.95 6.55
N VAL A 407 -5.46 -14.14 7.72
CA VAL A 407 -4.25 -13.39 8.07
C VAL A 407 -3.11 -13.74 7.11
N ILE A 408 -2.91 -15.04 6.85
CA ILE A 408 -1.86 -15.43 5.91
C ILE A 408 -2.14 -14.93 4.51
N THR A 409 -3.40 -15.02 4.05
CA THR A 409 -3.72 -14.57 2.70
C THR A 409 -3.48 -13.06 2.55
N GLY A 410 -3.91 -12.27 3.54
CA GLY A 410 -3.64 -10.86 3.51
C GLY A 410 -2.17 -10.52 3.57
N VAL A 411 -1.41 -11.28 4.36
CA VAL A 411 0.03 -11.03 4.46
C VAL A 411 0.74 -11.33 3.16
N ILE A 412 0.36 -12.43 2.49
CA ILE A 412 0.98 -12.74 1.19
C ILE A 412 0.62 -11.69 0.16
N ASN A 413 -0.63 -11.22 0.15
CA ASN A 413 -1.00 -10.17 -0.79
C ASN A 413 -0.23 -8.88 -0.53
N ILE A 414 -0.09 -8.50 0.74
CA ILE A 414 0.63 -7.26 1.09
C ILE A 414 2.10 -7.38 0.72
N VAL A 415 2.72 -8.52 1.01
CA VAL A 415 4.14 -8.68 0.70
C VAL A 415 4.37 -8.74 -0.80
N TYR A 416 3.48 -9.38 -1.55
CA TYR A 416 3.63 -9.45 -3.00
C TYR A 416 3.28 -8.14 -3.69
N ALA A 417 2.58 -7.23 -2.99
CA ALA A 417 2.28 -5.92 -3.56
C ALA A 417 3.50 -5.12 -3.99
N PRO A 418 4.60 -5.04 -3.22
CA PRO A 418 5.78 -4.31 -3.71
C PRO A 418 6.40 -4.88 -4.97
N LEU A 419 6.19 -6.17 -5.27
CA LEU A 419 6.77 -6.77 -6.47
C LEU A 419 6.16 -6.24 -7.76
N CYS A 420 5.02 -5.56 -7.70
CA CYS A 420 4.39 -4.98 -8.88
C CYS A 420 5.12 -3.75 -9.41
N TYR A 421 6.09 -3.22 -8.67
CA TYR A 421 6.91 -2.11 -9.14
C TYR A 421 7.78 -2.51 -10.33
N TYR A 422 8.06 -3.80 -10.51
CA TYR A 422 8.93 -4.25 -11.58
C TYR A 422 8.31 -3.99 -12.95
N LEU A 423 6.99 -3.94 -13.04
CA LEU A 423 6.29 -3.75 -14.31
C LEU A 423 6.12 -2.28 -14.69
N ARG A 424 6.89 -1.38 -14.06
CA ARG A 424 6.81 0.04 -14.41
C ARG A 424 7.27 0.29 -15.83
N SER A 425 8.37 -0.33 -16.25
CA SER A 425 8.87 -0.16 -17.60
C SER A 425 9.80 -1.30 -17.97
N PRO A 426 9.27 -2.43 -18.41
CA PRO A 426 10.14 -3.54 -18.85
C PRO A 426 10.90 -3.17 -20.10
N PRO A 427 12.19 -3.52 -20.17
CA PRO A 427 12.96 -3.22 -21.37
C PRO A 427 12.49 -4.01 -22.57
N ALA A 428 12.64 -3.41 -23.74
CA ALA A 428 12.17 -4.02 -24.97
C ALA A 428 13.20 -5.04 -25.48
N LYS A 429 12.92 -5.60 -26.65
CA LYS A 429 13.83 -6.56 -27.27
C LYS A 429 14.81 -5.86 -28.19
N GLU A 430 15.95 -6.51 -28.43
CA GLU A 430 16.96 -5.95 -29.30
C GLU A 430 16.47 -5.90 -30.74
N ARG B 20 3.74 31.90 34.99
CA ARG B 20 3.63 30.60 34.34
C ARG B 20 3.60 30.73 32.81
N GLN B 21 3.25 31.90 32.28
CA GLN B 21 3.28 32.10 30.84
C GLN B 21 4.69 32.28 30.31
N LEU B 22 5.58 32.88 31.12
CA LEU B 22 6.94 33.14 30.67
C LEU B 22 7.70 31.85 30.39
N VAL B 23 7.55 30.84 31.26
CA VAL B 23 8.23 29.57 31.05
C VAL B 23 7.72 28.88 29.79
N LEU B 24 6.41 28.98 29.55
CA LEU B 24 5.83 28.43 28.32
C LEU B 24 6.40 29.14 27.10
N VAL B 25 6.55 30.46 27.18
CA VAL B 25 7.11 31.22 26.06
C VAL B 25 8.56 30.81 25.80
N VAL B 26 9.37 30.67 26.85
CA VAL B 26 10.77 30.31 26.65
C VAL B 26 10.90 28.88 26.13
N VAL B 27 10.05 27.96 26.59
CA VAL B 27 10.11 26.58 26.11
C VAL B 27 9.71 26.51 24.65
N PHE B 28 8.64 27.23 24.28
CA PHE B 28 8.20 27.30 22.89
C PHE B 28 9.29 27.89 21.99
N VAL B 29 9.94 28.96 22.47
CA VAL B 29 10.98 29.60 21.69
C VAL B 29 12.19 28.69 21.52
N ALA B 30 12.55 27.94 22.58
CA ALA B 30 13.70 27.06 22.50
C ALA B 30 13.45 25.90 21.53
N LEU B 31 12.27 25.27 21.63
CA LEU B 31 11.95 24.17 20.72
C LEU B 31 11.84 24.67 19.28
N LEU B 32 11.31 25.87 19.12
CA LEU B 32 11.20 26.48 17.80
C LEU B 32 12.59 26.67 17.22
N LEU B 33 13.50 27.24 18.02
CA LEU B 33 14.86 27.50 17.54
C LEU B 33 15.58 26.22 17.17
N ASP B 34 15.41 25.17 17.98
CA ASP B 34 16.05 23.89 17.70
C ASP B 34 15.54 23.30 16.38
N ASN B 35 14.21 23.29 16.20
CA ASN B 35 13.65 22.73 14.98
C ASN B 35 14.03 23.57 13.76
N MET B 36 14.05 24.90 13.91
CA MET B 36 14.43 25.75 12.78
C MET B 36 15.89 25.55 12.39
N LEU B 37 16.79 25.38 13.37
CA LEU B 37 18.18 25.11 13.03
C LEU B 37 18.32 23.77 12.33
N PHE B 38 17.63 22.74 12.83
CA PHE B 38 17.67 21.41 12.22
C PHE B 38 17.15 21.44 10.78
N THR B 39 16.09 22.19 10.53
CA THR B 39 15.56 22.30 9.17
C THR B 39 16.40 23.20 8.28
N VAL B 40 17.07 24.20 8.86
CA VAL B 40 17.78 25.19 8.05
C VAL B 40 19.13 24.69 7.61
N VAL B 41 19.73 23.75 8.35
CA VAL B 41 21.00 23.19 7.88
C VAL B 41 20.85 22.42 6.57
N VAL B 42 19.68 21.83 6.32
CA VAL B 42 19.50 20.91 5.19
C VAL B 42 19.62 21.64 3.84
N PRO B 43 18.98 22.80 3.63
CA PRO B 43 19.19 23.50 2.34
C PRO B 43 20.63 23.94 2.08
N ILE B 44 21.39 24.25 3.13
CA ILE B 44 22.59 25.07 2.98
C ILE B 44 23.84 24.24 2.81
N VAL B 45 23.92 23.09 3.49
CA VAL B 45 25.16 22.31 3.51
C VAL B 45 25.56 21.79 2.14
N PRO B 46 24.68 21.16 1.35
CA PRO B 46 25.09 20.70 0.01
C PRO B 46 25.47 21.84 -0.93
N THR B 47 24.69 22.93 -0.96
CA THR B 47 25.03 24.05 -1.83
C THR B 47 26.30 24.74 -1.36
N PHE B 48 26.51 24.81 -0.04
CA PHE B 48 27.74 25.39 0.48
C PHE B 48 28.96 24.55 0.09
N LEU B 49 28.83 23.22 0.16
CA LEU B 49 29.93 22.37 -0.28
C LEU B 49 30.18 22.51 -1.77
N TYR B 50 29.11 22.61 -2.57
CA TYR B 50 29.27 22.72 -4.01
C TYR B 50 29.91 24.05 -4.41
N ASP B 51 29.56 25.13 -3.72
CA ASP B 51 30.06 26.45 -4.10
C ASP B 51 31.55 26.58 -3.85
N MET B 52 32.05 26.02 -2.76
CA MET B 52 33.45 26.22 -2.39
C MET B 52 34.39 25.50 -3.35
N GLU B 53 34.06 24.26 -3.73
CA GLU B 53 34.97 23.47 -4.56
C GLU B 53 35.06 24.05 -5.96
N PHE B 54 33.94 24.46 -6.54
CA PHE B 54 33.93 24.99 -7.90
C PHE B 54 33.53 26.47 -7.90
N GLN B 72 22.93 22.64 -14.88
CA GLN B 72 23.34 23.51 -13.79
C GLN B 72 24.86 23.50 -13.65
N GLY B 73 25.36 22.66 -12.75
CA GLY B 73 26.79 22.54 -12.53
C GLY B 73 27.31 21.14 -12.70
N THR B 74 28.57 20.92 -12.35
CA THR B 74 29.18 19.61 -12.47
C THR B 74 28.71 18.69 -11.34
N GLY B 75 28.80 17.39 -11.59
CA GLY B 75 28.38 16.40 -10.61
C GLY B 75 29.54 15.67 -9.97
N PHE B 76 29.83 15.98 -8.70
CA PHE B 76 30.90 15.33 -7.98
C PHE B 76 30.54 15.03 -6.53
N LEU B 77 29.27 15.18 -6.14
CA LEU B 77 28.86 15.02 -4.76
C LEU B 77 28.70 13.56 -4.35
N GLU B 78 28.83 12.63 -5.29
CA GLU B 78 28.63 11.21 -4.97
C GLU B 78 29.69 10.71 -4.00
N GLU B 79 30.91 11.27 -4.07
CA GLU B 79 31.93 10.93 -3.09
C GLU B 79 31.64 11.57 -1.73
N GLU B 80 30.96 12.72 -1.71
CA GLU B 80 30.73 13.46 -0.48
C GLU B 80 29.42 13.10 0.22
N ILE B 81 28.57 12.26 -0.40
CA ILE B 81 27.31 11.91 0.23
C ILE B 81 27.52 11.18 1.55
N THR B 82 28.56 10.33 1.63
CA THR B 82 28.77 9.58 2.86
C THR B 82 29.21 10.49 4.01
N ARG B 83 30.05 11.50 3.73
CA ARG B 83 30.45 12.43 4.78
C ARG B 83 29.29 13.33 5.16
N VAL B 84 28.45 13.70 4.18
CA VAL B 84 27.24 14.47 4.49
C VAL B 84 26.31 13.68 5.39
N GLY B 85 26.14 12.39 5.11
CA GLY B 85 25.30 11.55 5.94
C GLY B 85 25.83 11.39 7.35
N VAL B 86 27.15 11.23 7.49
CA VAL B 86 27.75 11.15 8.82
C VAL B 86 27.56 12.46 9.57
N LEU B 87 27.74 13.59 8.87
CA LEU B 87 27.53 14.89 9.50
C LEU B 87 26.09 15.08 9.96
N PHE B 88 25.13 14.60 9.16
CA PHE B 88 23.73 14.74 9.55
C PHE B 88 23.37 13.80 10.69
N ALA B 89 23.98 12.61 10.75
CA ALA B 89 23.69 11.67 11.82
C ALA B 89 24.49 11.95 13.09
N SER B 90 25.42 12.90 13.03
CA SER B 90 26.23 13.24 14.20
C SER B 90 25.37 13.74 15.36
N LYS B 91 24.39 14.58 15.07
CA LYS B 91 23.54 15.11 16.14
C LYS B 91 22.71 14.01 16.77
N ALA B 92 22.16 13.09 15.96
CA ALA B 92 21.39 11.98 16.50
C ALA B 92 22.26 11.08 17.37
N VAL B 93 23.48 10.79 16.93
CA VAL B 93 24.39 9.96 17.71
C VAL B 93 24.73 10.64 19.04
N MET B 94 25.03 11.94 19.00
CA MET B 94 25.37 12.66 20.23
C MET B 94 24.17 12.73 21.17
N GLN B 95 22.96 12.94 20.63
CA GLN B 95 21.79 12.99 21.48
C GLN B 95 21.52 11.64 22.14
N LEU B 96 21.69 10.54 21.40
CA LEU B 96 21.52 9.22 21.98
C LEU B 96 22.57 8.96 23.07
N LEU B 97 23.81 9.42 22.85
CA LEU B 97 24.84 9.22 23.86
C LEU B 97 24.57 10.03 25.12
N VAL B 98 24.13 11.28 24.98
CA VAL B 98 24.01 12.18 26.13
C VAL B 98 22.64 12.12 26.79
N ASN B 99 21.67 11.41 26.19
CA ASN B 99 20.33 11.32 26.78
C ASN B 99 20.26 10.74 28.18
N PRO B 100 20.83 9.56 28.50
CA PRO B 100 20.64 9.02 29.85
C PRO B 100 21.39 9.78 30.93
N PHE B 101 22.48 10.48 30.59
CA PHE B 101 23.18 11.27 31.62
C PHE B 101 22.35 12.47 32.08
N VAL B 102 21.52 13.02 31.19
CA VAL B 102 20.77 14.23 31.51
C VAL B 102 19.71 13.94 32.57
N GLY B 103 19.28 12.69 32.71
CA GLY B 103 18.27 12.29 33.66
C GLY B 103 18.56 12.65 35.11
N PRO B 104 19.58 12.05 35.73
CA PRO B 104 19.86 12.34 37.13
C PRO B 104 20.58 13.65 37.36
N LEU B 105 21.04 14.32 36.30
CA LEU B 105 21.68 15.62 36.48
C LEU B 105 20.68 16.68 36.93
N THR B 106 19.44 16.62 36.44
CA THR B 106 18.45 17.62 36.80
C THR B 106 18.03 17.53 38.27
N ASN B 107 17.98 16.32 38.83
CA ASN B 107 17.56 16.17 40.22
C ASN B 107 18.56 16.78 41.18
N ARG B 108 19.86 16.68 40.87
CA ARG B 108 20.88 17.19 41.79
C ARG B 108 20.92 18.71 41.80
N ILE B 109 20.88 19.34 40.63
CA ILE B 109 21.12 20.77 40.50
C ILE B 109 19.89 21.52 39.99
N GLY B 110 18.71 20.93 40.10
CA GLY B 110 17.51 21.59 39.64
C GLY B 110 17.38 21.60 38.13
N TYR B 111 16.51 22.49 37.64
CA TYR B 111 16.19 22.53 36.22
C TYR B 111 16.64 23.82 35.53
N HIS B 112 16.82 24.91 36.26
CA HIS B 112 17.20 26.17 35.63
C HIS B 112 18.61 26.10 35.05
N ILE B 113 19.56 25.55 35.81
CA ILE B 113 20.95 25.51 35.36
C ILE B 113 21.15 24.68 34.09
N PRO B 114 20.54 23.49 33.92
CA PRO B 114 20.73 22.81 32.62
C PRO B 114 19.88 23.37 31.50
N MET B 115 18.74 24.00 31.82
CA MET B 115 18.00 24.73 30.80
C MET B 115 18.79 25.94 30.31
N PHE B 116 19.56 26.58 31.20
CA PHE B 116 20.44 27.66 30.79
C PHE B 116 21.54 27.17 29.85
N ALA B 117 21.93 25.91 29.98
CA ALA B 117 22.98 25.37 29.12
C ALA B 117 22.51 25.27 27.67
N GLY B 118 21.24 24.93 27.44
CA GLY B 118 20.76 24.73 26.08
C GLY B 118 20.86 25.98 25.23
N PHE B 119 20.49 27.13 25.80
CA PHE B 119 20.59 28.39 25.09
C PHE B 119 22.04 28.72 24.74
N VAL B 120 22.97 28.55 25.70
CA VAL B 120 24.34 28.96 25.43
C VAL B 120 25.00 28.05 24.40
N ILE B 121 24.86 26.73 24.55
CA ILE B 121 25.45 25.84 23.55
C ILE B 121 24.77 25.98 22.19
N MET B 122 23.46 26.27 22.14
CA MET B 122 22.86 26.58 20.85
C MET B 122 23.44 27.88 20.28
N PHE B 123 23.79 28.83 21.14
CA PHE B 123 24.40 30.06 20.67
C PHE B 123 25.77 29.80 20.06
N LEU B 124 26.57 28.95 20.72
CA LEU B 124 27.92 28.59 20.21
C LEU B 124 27.75 27.84 18.88
N SER B 125 26.75 26.96 18.79
CA SER B 125 26.52 26.18 17.57
C SER B 125 26.10 27.08 16.40
N THR B 126 25.19 28.02 16.66
CA THR B 126 24.72 28.88 15.58
C THR B 126 25.77 29.91 15.19
N VAL B 127 26.65 30.30 16.13
CA VAL B 127 27.76 31.18 15.77
C VAL B 127 28.79 30.43 14.93
N MET B 128 29.07 29.19 15.29
CA MET B 128 30.03 28.39 14.52
C MET B 128 29.50 28.06 13.13
N PHE B 129 28.18 27.87 13.00
CA PHE B 129 27.61 27.58 11.70
C PHE B 129 27.76 28.76 10.75
N ALA B 130 27.58 29.98 11.25
CA ALA B 130 27.67 31.15 10.39
C ALA B 130 29.10 31.39 9.91
N PHE B 131 30.08 31.15 10.77
CA PHE B 131 31.49 31.43 10.46
C PHE B 131 32.26 30.20 10.04
N SER B 132 31.61 29.05 9.88
CA SER B 132 32.30 27.84 9.46
C SER B 132 32.78 27.96 8.02
N GLY B 133 34.01 27.51 7.77
CA GLY B 133 34.57 27.58 6.44
C GLY B 133 35.08 26.25 5.94
N THR B 134 35.27 25.30 6.85
CA THR B 134 35.74 23.96 6.51
C THR B 134 34.75 22.92 7.01
N TYR B 135 34.94 21.69 6.53
CA TYR B 135 34.03 20.60 6.91
C TYR B 135 34.14 20.26 8.39
N THR B 136 35.33 20.44 8.98
CA THR B 136 35.53 20.02 10.37
C THR B 136 34.73 20.86 11.35
N LEU B 137 34.64 22.18 11.09
CA LEU B 137 33.90 23.05 11.99
C LEU B 137 32.40 22.75 11.99
N LEU B 138 31.86 22.38 10.84
CA LEU B 138 30.44 22.02 10.76
C LEU B 138 30.14 20.79 11.60
N PHE B 139 31.07 19.83 11.67
CA PHE B 139 30.88 18.66 12.52
C PHE B 139 30.81 19.06 13.99
N VAL B 140 31.70 19.95 14.43
CA VAL B 140 31.70 20.39 15.82
C VAL B 140 30.41 21.14 16.12
N ALA B 141 29.95 21.96 15.17
CA ALA B 141 28.67 22.64 15.34
C ALA B 141 27.52 21.66 15.44
N ARG B 142 27.55 20.59 14.65
CA ARG B 142 26.47 19.60 14.67
C ARG B 142 26.41 18.87 16.00
N THR B 143 27.56 18.37 16.49
CA THR B 143 27.56 17.68 17.78
C THR B 143 27.21 18.62 18.93
N LEU B 144 27.70 19.86 18.87
CA LEU B 144 27.40 20.83 19.91
C LEU B 144 25.90 21.14 19.93
N GLN B 145 25.31 21.27 18.73
CA GLN B 145 23.87 21.46 18.60
C GLN B 145 23.09 20.27 19.15
N GLY B 146 23.58 19.05 18.91
CA GLY B 146 22.92 17.88 19.45
C GLY B 146 22.91 17.87 20.98
N ILE B 147 24.06 18.20 21.57
CA ILE B 147 24.16 18.26 23.04
C ILE B 147 23.21 19.33 23.59
N GLY B 148 23.23 20.51 22.98
CA GLY B 148 22.35 21.58 23.43
C GLY B 148 20.88 21.24 23.24
N SER B 149 20.55 20.57 22.14
CA SER B 149 19.17 20.17 21.88
C SER B 149 18.67 19.18 22.92
N SER B 150 19.51 18.18 23.26
CA SER B 150 19.12 17.23 24.28
C SER B 150 18.94 17.89 25.64
N PHE B 151 19.86 18.79 25.99
CA PHE B 151 19.77 19.48 27.28
C PHE B 151 18.53 20.36 27.36
N SER B 152 18.26 21.12 26.29
CA SER B 152 17.09 22.00 26.28
C SER B 152 15.79 21.19 26.28
N SER B 153 15.75 20.09 25.52
CA SER B 153 14.54 19.28 25.45
C SER B 153 14.21 18.66 26.80
N VAL B 154 15.23 18.18 27.53
CA VAL B 154 14.96 17.67 28.86
C VAL B 154 14.56 18.80 29.82
N ALA B 155 15.34 19.88 29.83
CA ALA B 155 15.21 20.87 30.89
C ALA B 155 13.93 21.70 30.75
N GLY B 156 13.62 22.15 29.53
CA GLY B 156 12.42 22.97 29.35
C GLY B 156 11.14 22.21 29.64
N LEU B 157 11.06 20.96 29.18
CA LEU B 157 9.88 20.15 29.48
C LEU B 157 9.79 19.83 30.97
N GLY B 158 10.92 19.59 31.64
CA GLY B 158 10.87 19.41 33.08
C GLY B 158 10.40 20.65 33.81
N MET B 159 10.86 21.83 33.38
CA MET B 159 10.40 23.07 33.98
C MET B 159 8.91 23.29 33.75
N LEU B 160 8.43 22.96 32.55
CA LEU B 160 7.01 23.07 32.26
C LEU B 160 6.19 22.14 33.16
N ALA B 161 6.66 20.91 33.35
CA ALA B 161 5.96 19.99 34.23
C ALA B 161 5.97 20.47 35.67
N SER B 162 7.09 21.04 36.12
CA SER B 162 7.17 21.51 37.50
C SER B 162 6.31 22.74 37.74
N VAL B 163 6.19 23.62 36.73
CA VAL B 163 5.49 24.88 36.92
C VAL B 163 3.99 24.64 37.07
N TYR B 164 3.41 23.79 36.23
CA TYR B 164 1.97 23.55 36.22
C TYR B 164 1.66 22.33 37.08
N THR B 165 0.76 22.50 38.06
CA THR B 165 0.34 21.41 38.93
C THR B 165 -1.17 21.28 39.01
N ASP B 166 -1.92 21.95 38.14
CA ASP B 166 -3.38 21.88 38.16
C ASP B 166 -3.92 20.58 37.57
N ASP B 167 -3.07 19.78 36.91
CA ASP B 167 -3.38 18.50 36.31
C ASP B 167 -4.22 18.61 35.03
N HIS B 168 -4.55 19.82 34.59
CA HIS B 168 -5.32 20.01 33.37
C HIS B 168 -4.65 20.97 32.40
N GLU B 169 -4.00 22.02 32.90
CA GLU B 169 -3.29 22.95 32.03
C GLU B 169 -1.99 22.37 31.51
N ARG B 170 -1.51 21.29 32.13
CA ARG B 170 -0.28 20.64 31.68
C ARG B 170 -0.44 20.08 30.26
N GLY B 171 -1.60 19.47 29.98
CA GLY B 171 -1.86 18.98 28.64
C GLY B 171 -1.91 20.08 27.61
N ARG B 172 -2.53 21.21 27.95
CA ARG B 172 -2.57 22.35 27.04
C ARG B 172 -1.17 22.91 26.80
N ALA B 173 -0.35 22.99 27.85
CA ALA B 173 1.02 23.47 27.69
C ALA B 173 1.83 22.53 26.79
N MET B 174 1.68 21.22 26.99
CA MET B 174 2.39 20.27 26.15
C MET B 174 1.92 20.36 24.69
N GLY B 175 0.62 20.53 24.49
CA GLY B 175 0.11 20.70 23.13
C GLY B 175 0.61 21.96 22.47
N THR B 176 0.71 23.05 23.24
CA THR B 176 1.25 24.29 22.70
C THR B 176 2.73 24.14 22.33
N ALA B 177 3.49 23.43 23.17
CA ALA B 177 4.90 23.18 22.85
C ALA B 177 5.04 22.33 21.59
N LEU B 178 4.22 21.29 21.44
CA LEU B 178 4.28 20.46 20.25
C LEU B 178 3.85 21.24 19.00
N GLY B 179 2.85 22.12 19.14
CA GLY B 179 2.49 23.00 18.04
C GLY B 179 3.62 23.96 17.69
N GLY B 180 4.38 24.41 18.68
CA GLY B 180 5.55 25.22 18.40
C GLY B 180 6.62 24.45 17.65
N LEU B 181 6.80 23.17 17.99
CA LEU B 181 7.72 22.32 17.25
C LEU B 181 7.27 22.17 15.80
N ALA B 182 5.96 21.98 15.60
CA ALA B 182 5.42 21.87 14.25
C ALA B 182 5.62 23.16 13.46
N LEU B 183 5.41 24.30 14.11
CA LEU B 183 5.59 25.59 13.44
C LEU B 183 7.05 25.80 13.06
N GLY B 184 7.97 25.43 13.95
CA GLY B 184 9.39 25.53 13.63
C GLY B 184 9.78 24.63 12.47
N LEU B 185 9.24 23.41 12.44
CA LEU B 185 9.48 22.52 11.32
C LEU B 185 8.92 23.10 10.02
N LEU B 186 7.75 23.72 10.08
CA LEU B 186 7.15 24.33 8.90
C LEU B 186 8.00 25.49 8.38
N VAL B 187 8.51 26.33 9.29
CA VAL B 187 9.13 27.58 8.88
C VAL B 187 10.64 27.50 8.67
N GLY B 188 11.29 26.44 9.15
CA GLY B 188 12.74 26.36 9.01
C GLY B 188 13.18 26.17 7.58
N ALA B 189 12.46 25.34 6.82
CA ALA B 189 12.88 25.00 5.46
C ALA B 189 12.89 26.20 4.52
N PRO B 190 11.83 27.02 4.42
CA PRO B 190 11.90 28.19 3.53
C PRO B 190 12.89 29.26 3.98
N PHE B 191 13.33 29.24 5.23
CA PHE B 191 14.25 30.24 5.78
C PHE B 191 15.58 30.23 5.03
N GLY B 192 16.33 29.13 5.18
CA GLY B 192 17.67 29.08 4.62
C GLY B 192 17.68 29.04 3.11
N SER B 193 16.73 28.34 2.50
CA SER B 193 16.67 28.26 1.04
C SER B 193 16.38 29.62 0.43
N VAL B 194 15.47 30.38 1.03
CA VAL B 194 15.14 31.70 0.49
C VAL B 194 16.29 32.68 0.72
N MET B 195 16.87 32.68 1.92
CA MET B 195 17.88 33.69 2.24
C MET B 195 19.31 33.15 2.20
N TYR B 196 19.61 32.31 1.22
CA TYR B 196 20.99 31.96 0.91
C TYR B 196 21.49 32.62 -0.37
N GLU B 197 20.72 32.52 -1.46
CA GLU B 197 21.08 33.14 -2.73
C GLU B 197 20.69 34.61 -2.81
N PHE B 198 19.95 35.12 -1.82
CA PHE B 198 19.46 36.50 -1.85
C PHE B 198 20.26 37.44 -0.95
N VAL B 199 20.42 37.09 0.32
CA VAL B 199 21.01 37.99 1.31
C VAL B 199 22.27 37.41 1.93
N GLY B 200 22.92 36.46 1.26
CA GLY B 200 24.19 35.93 1.71
C GLY B 200 24.06 34.57 2.34
N LYS B 201 25.23 34.00 2.69
CA LYS B 201 25.30 32.68 3.30
C LYS B 201 25.19 32.72 4.82
N SER B 202 25.87 33.66 5.46
CA SER B 202 25.85 33.77 6.92
C SER B 202 24.59 34.43 7.43
N ALA B 203 23.73 34.94 6.54
CA ALA B 203 22.53 35.65 6.96
C ALA B 203 21.55 34.82 7.78
N PRO B 204 21.13 33.62 7.35
CA PRO B 204 20.10 32.89 8.12
C PRO B 204 20.57 32.38 9.47
N PHE B 205 21.86 32.40 9.77
CA PHE B 205 22.33 31.90 11.06
C PHE B 205 22.41 32.99 12.12
N LEU B 206 22.78 34.21 11.75
CA LEU B 206 22.81 35.29 12.73
C LEU B 206 21.42 35.69 13.19
N ILE B 207 20.41 35.54 12.32
CA ILE B 207 19.03 35.79 12.76
C ILE B 207 18.63 34.78 13.83
N LEU B 208 18.96 33.51 13.63
CA LEU B 208 18.70 32.50 14.65
C LEU B 208 19.49 32.76 15.92
N ALA B 209 20.72 33.27 15.77
CA ALA B 209 21.51 33.63 16.95
C ALA B 209 20.85 34.75 17.73
N PHE B 210 20.35 35.77 17.03
CA PHE B 210 19.66 36.88 17.70
C PHE B 210 18.37 36.40 18.37
N LEU B 211 17.65 35.48 17.70
CA LEU B 211 16.45 34.92 18.30
C LEU B 211 16.78 34.11 19.55
N ALA B 212 17.88 33.37 19.53
CA ALA B 212 18.33 32.63 20.71
C ALA B 212 18.72 33.57 21.83
N LEU B 213 19.36 34.70 21.49
CA LEU B 213 19.71 35.69 22.49
C LEU B 213 18.47 36.29 23.13
N LEU B 214 17.41 36.48 22.33
CA LEU B 214 16.15 36.95 22.88
C LEU B 214 15.55 35.92 23.84
N ASP B 215 15.70 34.63 23.52
CA ASP B 215 15.18 33.58 24.39
C ASP B 215 15.92 33.56 25.73
N GLY B 216 17.23 33.79 25.71
CA GLY B 216 18.00 33.74 26.94
C GLY B 216 17.62 34.84 27.92
N ALA B 217 17.37 36.05 27.41
CA ALA B 217 16.96 37.14 28.27
C ALA B 217 15.59 36.88 28.88
N LEU B 218 14.71 36.22 28.13
CA LEU B 218 13.37 35.92 28.64
C LEU B 218 13.44 34.93 29.80
N GLN B 219 14.21 33.86 29.64
CA GLN B 219 14.32 32.87 30.71
C GLN B 219 15.20 33.35 31.85
N LEU B 220 16.05 34.34 31.63
CA LEU B 220 16.90 34.85 32.70
C LEU B 220 16.08 35.51 33.79
N CYS B 221 15.02 36.23 33.42
CA CYS B 221 14.12 36.86 34.39
C CYS B 221 13.02 35.86 34.76
N ILE B 222 13.44 34.78 35.43
CA ILE B 222 12.56 33.70 35.84
C ILE B 222 12.79 33.43 37.32
N LEU B 223 11.70 33.34 38.07
CA LEU B 223 11.75 33.08 39.51
C LEU B 223 12.50 34.19 40.25
N ALA B 233 6.64 8.14 42.48
CA ALA B 233 6.22 8.74 41.19
C ALA B 233 7.15 8.26 40.11
N LYS B 234 8.11 7.42 40.49
CA LYS B 234 9.12 6.98 39.49
C LYS B 234 8.39 6.16 38.45
N GLY B 235 8.80 6.25 37.20
CA GLY B 235 8.04 5.54 36.16
C GLY B 235 8.90 4.50 35.53
N THR B 236 8.37 3.31 35.40
CA THR B 236 9.17 2.22 34.85
C THR B 236 10.16 2.86 33.90
N PRO B 237 11.45 2.75 34.14
CA PRO B 237 12.45 3.46 33.32
C PRO B 237 12.42 2.96 31.87
N LEU B 238 13.06 3.75 31.01
CA LEU B 238 13.01 3.48 29.57
C LEU B 238 13.72 2.19 29.21
N PHE B 239 14.74 1.79 29.97
CA PHE B 239 15.46 0.57 29.66
C PHE B 239 14.65 -0.68 29.92
N MET B 240 13.60 -0.60 30.75
CA MET B 240 12.71 -1.73 30.98
C MET B 240 11.41 -1.63 30.20
N LEU B 241 11.02 -0.43 29.78
CA LEU B 241 9.80 -0.27 28.99
C LEU B 241 9.93 -0.92 27.61
N LEU B 242 11.16 -1.01 27.10
CA LEU B 242 11.41 -1.59 25.78
C LEU B 242 11.54 -3.10 25.81
N LYS B 243 11.19 -3.74 26.93
CA LYS B 243 11.27 -5.19 27.06
C LYS B 243 9.99 -5.91 26.69
N ASP B 244 8.89 -5.18 26.43
CA ASP B 244 7.69 -5.87 25.98
C ASP B 244 7.52 -5.71 24.47
N PRO B 245 6.93 -6.71 23.81
CA PRO B 245 6.84 -6.68 22.33
C PRO B 245 6.01 -5.52 21.78
N TYR B 246 4.96 -5.10 22.47
CA TYR B 246 4.02 -4.14 21.88
C TYR B 246 4.63 -2.74 21.77
N ILE B 247 5.28 -2.28 22.84
CA ILE B 247 5.92 -0.97 22.81
C ILE B 247 7.08 -0.96 21.81
N LEU B 248 7.81 -2.08 21.74
CA LEU B 248 8.88 -2.19 20.75
C LEU B 248 8.34 -2.14 19.33
N VAL B 249 7.19 -2.79 19.10
CA VAL B 249 6.57 -2.77 17.77
C VAL B 249 6.14 -1.36 17.41
N ALA B 250 5.54 -0.63 18.35
CA ALA B 250 5.12 0.74 18.10
C ALA B 250 6.32 1.65 17.82
N ALA B 251 7.40 1.49 18.60
CA ALA B 251 8.60 2.30 18.39
C ALA B 251 9.23 1.99 17.04
N GLY B 252 9.26 0.71 16.65
CA GLY B 252 9.78 0.36 15.34
C GLY B 252 8.94 0.92 14.22
N SER B 253 7.61 0.94 14.40
CA SER B 253 6.73 1.51 13.40
C SER B 253 6.99 3.01 13.23
N ILE B 254 7.15 3.73 14.35
CA ILE B 254 7.42 5.16 14.29
C ILE B 254 8.78 5.42 13.63
N CYS B 255 9.80 4.63 14.00
CA CYS B 255 11.13 4.80 13.44
C CYS B 255 11.15 4.52 11.95
N PHE B 256 10.47 3.46 11.51
CA PHE B 256 10.46 3.15 10.08
C PHE B 256 9.60 4.13 9.29
N ALA B 257 8.61 4.74 9.93
CA ALA B 257 7.87 5.81 9.26
C ALA B 257 8.73 7.05 9.11
N ASN B 258 9.52 7.39 10.13
CA ASN B 258 10.36 8.58 10.06
C ASN B 258 11.62 8.39 9.24
N MET B 259 12.01 7.14 8.99
CA MET B 259 13.25 6.87 8.25
C MET B 259 13.17 7.37 6.82
N GLY B 260 11.97 7.43 6.23
CA GLY B 260 11.84 7.96 4.89
C GLY B 260 12.25 9.41 4.79
N VAL B 261 11.75 10.25 5.70
CA VAL B 261 12.20 11.64 5.75
C VAL B 261 13.65 11.74 6.17
N ALA B 262 14.10 10.84 7.05
CA ALA B 262 15.49 10.87 7.51
C ALA B 262 16.46 10.64 6.36
N ILE B 263 16.15 9.71 5.45
CA ILE B 263 16.98 9.50 4.28
C ILE B 263 16.68 10.47 3.15
N LEU B 264 15.51 11.11 3.17
CA LEU B 264 15.19 12.13 2.18
C LEU B 264 15.95 13.43 2.43
N GLU B 265 16.27 13.73 3.70
CA GLU B 265 16.90 15.01 4.00
C GLU B 265 18.29 15.15 3.39
N PRO B 266 19.27 14.30 3.73
CA PRO B 266 20.65 14.58 3.28
C PRO B 266 20.89 14.31 1.80
N THR B 267 20.05 13.53 1.12
CA THR B 267 20.34 13.08 -0.22
C THR B 267 19.47 13.72 -1.31
N LEU B 268 18.39 14.40 -0.95
CA LEU B 268 17.49 14.94 -1.96
C LEU B 268 18.05 16.16 -2.69
N PRO B 269 18.62 17.16 -1.99
CA PRO B 269 19.22 18.29 -2.73
C PRO B 269 20.34 17.90 -3.67
N ILE B 270 21.16 16.91 -3.32
CA ILE B 270 22.22 16.47 -4.20
C ILE B 270 21.64 15.87 -5.48
N TRP B 271 20.59 15.05 -5.34
CA TRP B 271 19.90 14.51 -6.51
C TRP B 271 19.25 15.62 -7.33
N MET B 272 18.74 16.66 -6.66
CA MET B 272 18.11 17.76 -7.35
C MET B 272 19.11 18.49 -8.24
N MET B 273 20.26 18.87 -7.67
CA MET B 273 21.30 19.53 -8.46
C MET B 273 21.86 18.60 -9.54
N GLN B 274 21.90 17.29 -9.27
CA GLN B 274 22.47 16.38 -10.26
C GLN B 274 21.53 16.16 -11.45
N THR B 275 20.22 16.17 -11.22
CA THR B 275 19.27 15.77 -12.25
C THR B 275 18.40 16.91 -12.75
N MET B 276 17.64 17.58 -11.87
CA MET B 276 16.57 18.44 -12.35
C MET B 276 17.01 19.88 -12.60
N CYS B 277 18.24 20.25 -12.23
CA CYS B 277 18.79 21.58 -12.56
C CYS B 277 18.00 22.71 -11.91
N SER B 278 17.38 22.45 -10.77
CA SER B 278 16.65 23.49 -10.09
C SER B 278 17.60 24.53 -9.51
N PRO B 279 17.16 25.79 -9.41
CA PRO B 279 18.02 26.82 -8.81
C PRO B 279 18.21 26.57 -7.32
N LYS B 280 19.18 27.29 -6.75
CA LYS B 280 19.57 27.08 -5.36
C LYS B 280 18.55 27.62 -4.36
N TRP B 281 17.54 28.37 -4.82
CA TRP B 281 16.53 28.92 -3.92
C TRP B 281 15.25 28.10 -3.88
N GLN B 282 15.23 26.92 -4.50
CA GLN B 282 14.05 26.07 -4.51
C GLN B 282 14.27 24.74 -3.81
N LEU B 283 15.50 24.44 -3.38
CA LEU B 283 15.77 23.18 -2.70
C LEU B 283 15.02 23.08 -1.38
N GLY B 284 15.02 24.16 -0.60
CA GLY B 284 14.19 24.22 0.59
C GLY B 284 12.74 24.53 0.33
N LEU B 285 12.43 25.05 -0.86
CA LEU B 285 11.05 25.26 -1.29
C LEU B 285 10.35 23.95 -1.60
N ALA B 286 11.09 22.94 -2.04
CA ALA B 286 10.52 21.65 -2.41
C ALA B 286 10.09 20.81 -1.21
N PHE B 287 10.40 21.24 0.01
CA PHE B 287 10.07 20.46 1.21
C PHE B 287 8.89 21.02 1.99
N LEU B 288 8.23 22.07 1.48
CA LEU B 288 7.03 22.58 2.13
C LEU B 288 5.89 21.56 2.22
N PRO B 289 5.56 20.78 1.19
CA PRO B 289 4.49 19.78 1.33
C PRO B 289 4.72 18.77 2.44
N ALA B 290 5.97 18.38 2.69
CA ALA B 290 6.26 17.38 3.73
C ALA B 290 5.88 17.85 5.12
N SER B 291 5.81 19.16 5.35
CA SER B 291 5.36 19.71 6.63
C SER B 291 3.90 20.15 6.60
N VAL B 292 3.45 20.76 5.51
CA VAL B 292 2.06 21.20 5.42
C VAL B 292 1.11 20.02 5.45
N SER B 293 1.37 19.01 4.62
CA SER B 293 0.55 17.80 4.62
C SER B 293 0.69 17.05 5.93
N TYR B 294 1.85 17.14 6.58
CA TYR B 294 2.02 16.51 7.89
C TYR B 294 1.07 17.12 8.92
N LEU B 295 1.04 18.45 8.99
CA LEU B 295 0.16 19.12 9.95
C LEU B 295 -1.32 18.86 9.63
N ILE B 296 -1.67 18.88 8.34
CA ILE B 296 -3.04 18.59 7.92
C ILE B 296 -3.43 17.17 8.33
N GLY B 297 -2.53 16.22 8.09
CA GLY B 297 -2.82 14.84 8.43
C GLY B 297 -2.93 14.61 9.92
N THR B 298 -2.04 15.22 10.71
CA THR B 298 -2.10 15.01 12.15
C THR B 298 -3.38 15.59 12.72
N ASN B 299 -3.79 16.77 12.25
CA ASN B 299 -5.05 17.36 12.72
C ASN B 299 -6.25 16.47 12.34
N LEU B 300 -6.36 16.13 11.05
CA LEU B 300 -7.53 15.39 10.57
C LEU B 300 -7.61 14.00 11.19
N PHE B 301 -6.48 13.29 11.26
CA PHE B 301 -6.52 11.93 11.77
C PHE B 301 -6.49 11.87 13.29
N GLY B 302 -6.00 12.90 13.98
CA GLY B 302 -6.28 12.98 15.40
C GLY B 302 -7.75 13.17 15.68
N VAL B 303 -8.44 13.90 14.79
CA VAL B 303 -9.90 13.98 14.94
C VAL B 303 -10.58 12.66 14.59
N LEU B 304 -10.14 12.00 13.53
CA LEU B 304 -10.89 10.82 13.06
C LEU B 304 -10.25 9.44 13.04
N ALA B 305 -9.25 9.19 13.87
CA ALA B 305 -8.72 7.84 13.93
C ALA B 305 -9.33 6.97 15.02
N ASN B 306 -9.95 7.58 16.04
CA ASN B 306 -10.52 6.78 17.11
C ASN B 306 -11.72 5.98 16.63
N LYS B 307 -12.44 6.49 15.63
CA LYS B 307 -13.64 5.80 15.16
C LYS B 307 -13.32 4.55 14.36
N MET B 308 -12.31 4.62 13.49
CA MET B 308 -12.02 3.52 12.57
C MET B 308 -10.82 2.68 12.99
N GLY B 309 -10.27 2.91 14.18
CA GLY B 309 -9.18 2.07 14.65
C GLY B 309 -7.81 2.70 14.51
N ARG B 310 -7.01 2.64 15.57
CA ARG B 310 -5.68 3.24 15.52
C ARG B 310 -4.71 2.41 14.69
N TRP B 311 -4.76 1.08 14.85
CA TRP B 311 -3.84 0.22 14.12
C TRP B 311 -4.09 0.26 12.63
N LEU B 312 -5.35 0.38 12.22
CA LEU B 312 -5.64 0.54 10.79
C LEU B 312 -5.09 1.83 10.24
N CYS B 313 -5.19 2.93 11.02
CA CYS B 313 -4.62 4.20 10.60
C CYS B 313 -3.11 4.09 10.43
N SER B 314 -2.44 3.46 11.39
CA SER B 314 -1.00 3.25 11.28
C SER B 314 -0.65 2.38 10.08
N LEU B 315 -1.46 1.35 9.81
CA LEU B 315 -1.19 0.44 8.70
C LEU B 315 -1.27 1.16 7.36
N ILE B 316 -2.37 1.89 7.13
CA ILE B 316 -2.51 2.62 5.88
C ILE B 316 -1.46 3.73 5.78
N GLY B 317 -1.12 4.36 6.89
CA GLY B 317 -0.08 5.38 6.86
C GLY B 317 1.27 4.84 6.45
N MET B 318 1.65 3.68 7.00
CA MET B 318 2.90 3.04 6.60
C MET B 318 2.86 2.62 5.13
N LEU B 319 1.72 2.12 4.68
CA LEU B 319 1.61 1.66 3.30
C LEU B 319 1.75 2.82 2.32
N VAL B 320 1.09 3.95 2.59
CA VAL B 320 1.25 5.10 1.71
C VAL B 320 2.60 5.78 1.91
N VAL B 321 3.26 5.61 3.06
CA VAL B 321 4.67 6.02 3.19
C VAL B 321 5.53 5.26 2.19
N GLY B 322 5.34 3.94 2.13
CA GLY B 322 6.09 3.14 1.17
C GLY B 322 5.79 3.50 -0.27
N THR B 323 4.51 3.71 -0.58
CA THR B 323 4.13 4.08 -1.94
C THR B 323 4.70 5.45 -2.34
N SER B 324 4.64 6.42 -1.42
CA SER B 324 5.18 7.74 -1.71
C SER B 324 6.70 7.69 -1.88
N LEU B 325 7.39 6.90 -1.06
CA LEU B 325 8.83 6.77 -1.23
C LEU B 325 9.18 6.09 -2.56
N LEU B 326 8.36 5.13 -2.99
CA LEU B 326 8.58 4.53 -4.31
C LEU B 326 8.35 5.55 -5.42
N CYS B 327 7.33 6.40 -5.29
CA CYS B 327 7.00 7.36 -6.33
C CYS B 327 7.89 8.59 -6.34
N VAL B 328 8.66 8.81 -5.26
CA VAL B 328 9.55 9.97 -5.20
C VAL B 328 10.61 9.98 -6.31
N PRO B 329 11.36 8.88 -6.55
CA PRO B 329 12.44 8.95 -7.56
C PRO B 329 12.00 8.95 -9.02
N LEU B 330 10.71 9.11 -9.30
CA LEU B 330 10.20 9.09 -10.66
C LEU B 330 10.07 10.48 -11.27
N ALA B 331 10.10 11.54 -10.48
CA ALA B 331 9.87 12.89 -10.99
C ALA B 331 11.08 13.38 -11.77
N HIS B 332 10.81 14.12 -12.85
CA HIS B 332 11.86 14.73 -13.66
C HIS B 332 11.88 16.25 -13.55
N ASN B 333 11.05 16.84 -12.70
CA ASN B 333 11.07 18.27 -12.46
C ASN B 333 10.69 18.53 -11.01
N ILE B 334 10.72 19.82 -10.62
CA ILE B 334 10.43 20.18 -9.24
C ILE B 334 8.95 19.92 -8.92
N PHE B 335 8.06 20.15 -9.89
CA PHE B 335 6.64 19.98 -9.64
C PHE B 335 6.24 18.52 -9.44
N GLY B 336 7.06 17.58 -9.90
CA GLY B 336 6.76 16.17 -9.68
C GLY B 336 6.88 15.74 -8.23
N LEU B 337 7.63 16.47 -7.42
CA LEU B 337 7.84 16.16 -6.02
C LEU B 337 6.71 16.70 -5.13
N ILE B 338 5.78 17.47 -5.68
CA ILE B 338 4.70 18.01 -4.86
C ILE B 338 3.76 16.91 -4.39
N GLY B 339 3.49 15.92 -5.24
CA GLY B 339 2.58 14.85 -4.92
C GLY B 339 3.13 13.86 -3.91
N PRO B 340 4.22 13.17 -4.27
CA PRO B 340 4.79 12.17 -3.34
C PRO B 340 5.25 12.74 -2.01
N ASN B 341 5.81 13.95 -1.99
CA ASN B 341 6.24 14.55 -0.72
C ASN B 341 5.06 14.85 0.18
N ALA B 342 3.98 15.41 -0.40
CA ALA B 342 2.78 15.68 0.38
C ALA B 342 2.15 14.40 0.89
N GLY B 343 2.14 13.35 0.05
CA GLY B 343 1.62 12.07 0.49
C GLY B 343 2.45 11.47 1.62
N LEU B 344 3.77 11.59 1.53
CA LEU B 344 4.63 11.08 2.59
C LEU B 344 4.43 11.83 3.89
N GLY B 345 4.29 13.17 3.81
CA GLY B 345 4.03 13.94 5.02
C GLY B 345 2.69 13.61 5.66
N LEU B 346 1.65 13.46 4.83
CA LEU B 346 0.33 13.08 5.34
C LEU B 346 0.37 11.70 5.97
N ALA B 347 1.10 10.76 5.34
CA ALA B 347 1.22 9.41 5.87
C ALA B 347 1.95 9.39 7.20
N ILE B 348 3.04 10.16 7.32
CA ILE B 348 3.79 10.21 8.56
C ILE B 348 2.95 10.84 9.67
N GLY B 349 2.16 11.87 9.31
CA GLY B 349 1.25 12.44 10.29
C GLY B 349 0.20 11.44 10.76
N MET B 350 -0.34 10.65 9.83
CA MET B 350 -1.29 9.60 10.18
C MET B 350 -0.65 8.58 11.12
N VAL B 351 0.57 8.16 10.82
CA VAL B 351 1.26 7.15 11.61
C VAL B 351 1.53 7.66 13.02
N ASP B 352 1.99 8.92 13.14
CA ASP B 352 2.25 9.48 14.44
C ASP B 352 0.96 9.65 15.26
N SER B 353 -0.08 10.18 14.62
CA SER B 353 -1.34 10.40 15.33
C SER B 353 -2.01 9.10 15.74
N SER B 354 -1.77 8.02 15.00
CA SER B 354 -2.33 6.72 15.37
C SER B 354 -1.43 5.93 16.30
N MET B 355 -0.15 6.28 16.42
CA MET B 355 0.78 5.51 17.24
C MET B 355 1.01 6.09 18.62
N MET B 356 0.99 7.41 18.78
CA MET B 356 1.20 7.99 20.11
C MET B 356 0.12 7.60 21.12
N PRO B 357 -1.17 7.72 20.83
CA PRO B 357 -2.18 7.26 21.80
C PRO B 357 -2.10 5.77 22.13
N ILE B 358 -1.74 4.92 21.16
CA ILE B 358 -1.60 3.50 21.47
C ILE B 358 -0.42 3.27 22.40
N MET B 359 0.66 4.03 22.24
CA MET B 359 1.78 3.93 23.16
C MET B 359 1.39 4.38 24.55
N GLY B 360 0.64 5.47 24.66
CA GLY B 360 0.18 5.93 25.96
C GLY B 360 -0.73 4.93 26.64
N HIS B 361 -1.66 4.34 25.89
CA HIS B 361 -2.57 3.34 26.45
C HIS B 361 -1.81 2.09 26.88
N LEU B 362 -0.84 1.65 26.07
CA LEU B 362 -0.05 0.48 26.42
C LEU B 362 0.78 0.73 27.68
N VAL B 363 1.36 1.92 27.82
CA VAL B 363 2.13 2.22 29.01
C VAL B 363 1.22 2.33 30.23
N ASP B 364 0.03 2.89 30.06
CA ASP B 364 -0.87 3.07 31.20
C ASP B 364 -1.45 1.75 31.67
N LEU B 365 -1.79 0.85 30.74
CA LEU B 365 -2.49 -0.38 31.11
C LEU B 365 -1.55 -1.34 31.84
N ARG B 366 -0.34 -1.53 31.33
CA ARG B 366 0.57 -2.55 31.85
C ARG B 366 1.55 -2.00 32.88
N HIS B 367 2.24 -0.91 32.57
CA HIS B 367 3.25 -0.34 33.45
C HIS B 367 2.70 0.92 34.11
N THR B 368 3.58 1.61 34.85
CA THR B 368 3.24 2.87 35.50
C THR B 368 3.75 4.03 34.66
N SER B 369 2.89 5.01 34.45
CA SER B 369 3.18 6.11 33.52
C SER B 369 3.55 7.38 34.27
N VAL B 370 4.34 8.22 33.61
CA VAL B 370 4.78 9.50 34.15
C VAL B 370 4.22 10.54 33.19
N TYR B 371 4.41 11.83 33.48
CA TYR B 371 3.84 12.89 32.65
C TYR B 371 4.41 12.89 31.24
N GLY B 372 5.70 12.56 31.11
CA GLY B 372 6.33 12.54 29.80
C GLY B 372 6.89 11.19 29.43
N SER B 373 6.18 10.12 29.82
CA SER B 373 6.65 8.77 29.55
C SER B 373 6.71 8.49 28.05
N VAL B 374 5.67 8.88 27.32
CA VAL B 374 5.64 8.65 25.87
C VAL B 374 6.69 9.48 25.14
N TYR B 375 7.16 10.58 25.75
CA TYR B 375 8.20 11.39 25.13
C TYR B 375 9.51 10.60 24.99
N ALA B 376 9.86 9.82 26.00
CA ALA B 376 11.14 9.11 25.98
C ALA B 376 11.17 8.03 24.90
N ILE B 377 10.14 7.19 24.84
CA ILE B 377 10.13 6.11 23.87
C ILE B 377 10.00 6.64 22.45
N ALA B 378 9.14 7.63 22.23
CA ALA B 378 8.98 8.20 20.91
C ALA B 378 10.20 8.98 20.45
N ASP B 379 10.86 9.69 21.36
CA ASP B 379 12.08 10.41 20.99
C ASP B 379 13.21 9.46 20.61
N VAL B 380 13.27 8.28 21.23
CA VAL B 380 14.29 7.31 20.88
C VAL B 380 14.08 6.80 19.46
N ALA B 381 12.82 6.68 19.04
CA ALA B 381 12.53 6.25 17.67
C ALA B 381 13.03 7.26 16.66
N PHE B 382 12.75 8.56 16.90
CA PHE B 382 13.28 9.60 16.03
C PHE B 382 14.80 9.65 16.09
N CYS B 383 15.36 9.51 17.29
CA CYS B 383 16.82 9.55 17.45
C CYS B 383 17.48 8.37 16.74
N MET B 384 16.93 7.17 16.93
CA MET B 384 17.49 5.99 16.25
C MET B 384 17.33 6.11 14.74
N GLY B 385 16.20 6.63 14.27
CA GLY B 385 16.02 6.80 12.84
C GLY B 385 16.99 7.79 12.25
N PHE B 386 17.17 8.94 12.89
CA PHE B 386 18.11 9.94 12.41
C PHE B 386 19.57 9.53 12.62
N ALA B 387 19.83 8.54 13.47
CA ALA B 387 21.18 8.03 13.62
C ALA B 387 21.52 6.97 12.58
N ILE B 388 20.57 6.10 12.26
CA ILE B 388 20.85 4.99 11.35
C ILE B 388 20.54 5.34 9.89
N GLY B 389 19.74 6.36 9.63
CA GLY B 389 19.36 6.71 8.29
C GLY B 389 20.45 7.41 7.49
N PRO B 390 20.88 8.60 7.95
CA PRO B 390 21.91 9.33 7.21
C PRO B 390 23.24 8.61 7.10
N SER B 391 23.63 7.83 8.12
CA SER B 391 24.90 7.12 8.07
C SER B 391 24.89 6.01 7.04
N THR B 392 23.85 5.18 7.07
CA THR B 392 23.77 4.05 6.13
C THR B 392 23.42 4.51 4.73
N GLY B 393 22.67 5.61 4.62
CA GLY B 393 22.26 6.12 3.33
C GLY B 393 23.40 6.56 2.44
N GLY B 394 24.44 7.16 3.03
CA GLY B 394 25.60 7.54 2.24
C GLY B 394 26.29 6.35 1.62
N ALA B 395 26.48 5.29 2.40
CA ALA B 395 27.07 4.07 1.87
C ALA B 395 26.16 3.41 0.83
N ILE B 396 24.85 3.42 1.05
CA ILE B 396 23.93 2.81 0.10
C ILE B 396 23.94 3.55 -1.22
N VAL B 397 23.94 4.89 -1.17
CA VAL B 397 23.96 5.68 -2.40
C VAL B 397 25.33 5.69 -3.05
N LYS B 398 26.40 5.42 -2.30
CA LYS B 398 27.71 5.27 -2.92
C LYS B 398 27.82 3.94 -3.64
N ALA B 399 27.31 2.87 -3.02
CA ALA B 399 27.42 1.55 -3.63
C ALA B 399 26.51 1.42 -4.85
N ILE B 400 25.26 1.83 -4.72
CA ILE B 400 24.27 1.70 -5.78
C ILE B 400 23.59 3.04 -6.01
N GLY B 401 22.67 3.06 -6.96
CA GLY B 401 22.02 4.29 -7.33
C GLY B 401 21.09 4.83 -6.26
N PHE B 402 20.66 6.07 -6.48
CA PHE B 402 19.74 6.74 -5.56
C PHE B 402 18.38 6.04 -5.43
N PRO B 403 17.65 5.75 -6.52
CA PRO B 403 16.29 5.20 -6.35
C PRO B 403 16.21 3.85 -5.65
N TRP B 404 17.29 3.07 -5.65
CA TRP B 404 17.26 1.80 -4.96
C TRP B 404 17.11 1.98 -3.45
N LEU B 405 17.61 3.10 -2.91
CA LEU B 405 17.41 3.39 -1.49
C LEU B 405 15.94 3.58 -1.17
N MET B 406 15.23 4.34 -2.00
CA MET B 406 13.80 4.54 -1.78
C MET B 406 13.02 3.25 -2.00
N VAL B 407 13.45 2.42 -2.96
CA VAL B 407 12.80 1.11 -3.13
C VAL B 407 12.99 0.25 -1.89
N ILE B 408 14.20 0.24 -1.33
CA ILE B 408 14.49 -0.55 -0.15
C ILE B 408 13.65 -0.08 1.03
N THR B 409 13.58 1.24 1.21
CA THR B 409 12.78 1.79 2.31
C THR B 409 11.28 1.50 2.10
N GLY B 410 10.82 1.55 0.86
CA GLY B 410 9.42 1.26 0.60
C GLY B 410 9.05 -0.18 0.89
N VAL B 411 9.89 -1.13 0.46
CA VAL B 411 9.62 -2.53 0.78
C VAL B 411 9.74 -2.78 2.28
N ILE B 412 10.65 -2.07 2.96
CA ILE B 412 10.77 -2.23 4.40
C ILE B 412 9.51 -1.76 5.11
N ASN B 413 8.98 -0.59 4.70
CA ASN B 413 7.76 -0.08 5.31
C ASN B 413 6.57 -0.99 5.01
N ILE B 414 6.45 -1.46 3.77
CA ILE B 414 5.33 -2.31 3.38
C ILE B 414 5.41 -3.64 4.11
N VAL B 415 6.61 -4.17 4.34
CA VAL B 415 6.76 -5.42 5.06
C VAL B 415 6.42 -5.25 6.53
N TYR B 416 6.88 -4.16 7.14
CA TYR B 416 6.57 -3.94 8.56
C TYR B 416 5.11 -3.59 8.80
N ALA B 417 4.41 -3.11 7.77
CA ALA B 417 3.01 -2.72 7.94
C ALA B 417 2.09 -3.84 8.43
N PRO B 418 2.15 -5.08 7.94
CA PRO B 418 1.27 -6.13 8.49
C PRO B 418 1.52 -6.45 9.96
N LEU B 419 2.67 -6.06 10.52
CA LEU B 419 2.96 -6.33 11.93
C LEU B 419 2.13 -5.49 12.89
N CYS B 420 1.38 -4.51 12.39
CA CYS B 420 0.52 -3.68 13.24
C CYS B 420 -0.74 -4.39 13.69
N TYR B 421 -1.00 -5.61 13.19
CA TYR B 421 -2.11 -6.42 13.67
C TYR B 421 -1.94 -6.78 15.14
N TYR B 422 -0.70 -6.84 15.63
CA TYR B 422 -0.43 -7.24 17.00
C TYR B 422 -1.02 -6.27 18.01
N LEU B 423 -1.17 -5.00 17.64
CA LEU B 423 -1.47 -3.94 18.58
C LEU B 423 -2.95 -3.77 18.90
N ARG B 424 -3.85 -4.44 18.18
CA ARG B 424 -5.27 -4.29 18.43
C ARG B 424 -5.67 -5.09 19.66
N SER B 425 -6.08 -4.38 20.71
CA SER B 425 -6.47 -4.97 21.98
C SER B 425 -5.33 -5.78 22.60
N PRO B 426 -4.24 -5.14 23.03
CA PRO B 426 -3.20 -5.88 23.74
C PRO B 426 -3.70 -6.36 25.09
N PRO B 427 -3.18 -7.47 25.60
CA PRO B 427 -3.62 -8.01 26.90
C PRO B 427 -2.83 -7.43 28.06
#